data_9QM1
#
_entry.id   9QM1
#
_cell.length_a   61.800
_cell.length_b   122.511
_cell.length_c   146.697
_cell.angle_alpha   90.000
_cell.angle_beta   90.000
_cell.angle_gamma   90.000
#
_symmetry.space_group_name_H-M   'P 21 21 21'
#
loop_
_entity.id
_entity.type
_entity.pdbx_description
1 polymer 'Formate dehydrogenase, alpha subunit, selenocysteine-containing'
2 polymer 'Formate dehydrogenase, beta subunit, putative'
3 non-polymer GLYCEROL
4 non-polymer 1,2-ETHANEDIOL
5 non-polymer DI(HYDROXYETHYL)ETHER
6 non-polymer 'SULFUR DIOXIDE'
7 non-polymer 'HYDROSULFURIC ACID'
8 non-polymer 'TUNGSTEN ION'
9 non-polymer '2-AMINO-5,6-DIMERCAPTO-7-METHYL-3,7,8A,9-TETRAHYDRO-8-OXA-1,3,9,10-TETRAAZA-ANTHRACEN-4-ONE GUANOSINE DINUCLEOTIDE'
10 non-polymer 'IRON/SULFUR CLUSTER'
11 water water
#
loop_
_entity_poly.entity_id
_entity_poly.type
_entity_poly.pdbx_seq_one_letter_code
_entity_poly.pdbx_strand_id
1 'polypeptide(L)'
;MTVTRRHFLKLSAGAAVAGAFTGLGLSLAPTVARAELQKLQWAKQTTSICCYCAVGCGLIVHTAKDGQGRAVNVEGDPDH
PINEGSLCPKGASIFQLGENDQRGTQPLYRAPFSDTWKPVTWDFALTEIAKRIKKTRDASFTEKNAAGDLVNRTEAIASF
GSAAMDNEECWAYGNILRSLGLVYIEHQARICHSPTVPALAESFGRGAMTNHWNDLANSDCILIMGSNAAENHPIAFKWV
LRAKDKGATLIHVDPRFTRTSARCDVYAPIRSGADIPFLGGLIKYILDNKLYFTDYVREYTNASLIVGEKFSFKDGLFSG
YDAANKKYDKSMWAFELDANGVPKRDPALKHPRCVINLLKKHYERYNLDKVAAITGTSKEQLQQVYKAYAATGKPDKAGT
IMYAMGWTQHSVGVQNIRAMAMIQLLLGNIGVAGGGVNALRGESNVQGSTDQGLLAHIWPGYNPVPNSKAATLELYNAAT
PQSKDPMSVNWWQNRPKYVASYLKALYPDEEPAAAYDYLPRIDAGRKLTDYFWLNIFEKMDKGEFKGLFAWGMNPACGGA
NANKNRKAMGKLEWLVNVNLFENETSSFWKGPGMNPAEIGTEVFFLPCCVSIEKEGSVANSGRWMQWRYRGPKPYAETKP
DGDIMLDMFKKVRELYAKEGGAYPAPIAKLNIADWEEHNEFSPTKVAKLMNGYFLKDTEVGGKQFKKGQQVPSFAFLTAD
GSTCSGNWLHAGSFTDAGNLMARRDKTQTPEQARIGLFPNWSFCWPVNRRILYNRASVDKTGKPWNPAKAVIEWKDGKWV
GDVVDGGGDPGTKHPFIMQTHGFGALYGPGREEGPFPEHYEPLECPVSKNPFSKQLHNPVAFQIEGEKKAVCDPRYPFIG
TTYRVTEHWQTGLMTRRCAWLVEAEPQIFCEISKELAKLRGIGNGDTVKVSSLRGALEAVAIVTERIRPFKIEGVDVHMV
GLPWHYGWMVPKNGGDTANLLTPSAGDPNTGIPETKAFMVDVRKVWSHPQFEK
;
A
2 'polypeptide(L)'
;GKMFFVDLSRCTACRGCQIACKQWKNLPAEETRNTGSHQNPPDLSYVTLKTVRFTEKSRKGPGIDWLFFPEQCRHCVEPP
CKGQADVDLEGAVVKDETTGAVLFTELTAKVDGESVRSACPYDIPRIDPVTKRLSKCDMCNDRVQNGLLPACVKTCPTGT
MNFGDEQEMLALAEKRLAEVKKTYPGAVLGDPNDVRVVYLFTRDPKDFYEHAVA
;
B
#
# COMPACT_ATOMS: atom_id res chain seq x y z
N GLU A 36 7.50 35.85 -15.58
CA GLU A 36 7.21 35.27 -14.23
C GLU A 36 5.74 34.81 -14.18
N LEU A 37 5.50 33.64 -13.60
CA LEU A 37 4.14 33.11 -13.31
C LEU A 37 3.62 33.79 -12.04
N GLN A 38 2.50 34.51 -12.14
CA GLN A 38 1.89 35.31 -11.04
C GLN A 38 1.68 34.45 -9.80
N LYS A 39 1.17 33.23 -9.99
CA LYS A 39 0.70 32.33 -8.90
C LYS A 39 1.86 31.95 -7.97
N LEU A 40 3.07 31.76 -8.50
CA LEU A 40 4.25 31.23 -7.77
C LEU A 40 5.27 32.35 -7.50
N GLN A 41 4.90 33.61 -7.73
CA GLN A 41 5.84 34.76 -7.78
C GLN A 41 6.30 35.15 -6.37
N TRP A 42 5.42 35.06 -5.37
CA TRP A 42 5.65 35.57 -3.99
C TRP A 42 5.75 34.41 -2.99
N ALA A 43 5.95 33.17 -3.48
CA ALA A 43 5.87 31.93 -2.68
C ALA A 43 7.25 31.27 -2.53
N LYS A 44 7.44 30.52 -1.43
CA LYS A 44 8.68 29.78 -1.08
C LYS A 44 8.54 28.33 -1.56
N GLN A 45 9.55 27.83 -2.29
CA GLN A 45 9.59 26.47 -2.91
C GLN A 45 10.32 25.50 -1.98
N THR A 46 9.62 24.47 -1.48
CA THR A 46 10.17 23.37 -0.64
C THR A 46 9.78 22.02 -1.26
N THR A 47 10.56 20.97 -0.96
CA THR A 47 10.31 19.57 -1.40
C THR A 47 9.46 18.85 -0.34
N SER A 48 8.60 17.92 -0.77
CA SER A 48 7.82 17.02 0.11
C SER A 48 7.62 15.66 -0.57
N ILE A 49 7.02 14.71 0.16
CA ILE A 49 6.68 13.34 -0.35
C ILE A 49 5.18 13.18 -0.18
N CYS A 50 4.50 12.67 -1.22
CA CYS A 50 3.04 12.48 -1.25
C CYS A 50 2.57 11.77 0.03
N CYS A 51 1.42 12.19 0.55
CA CYS A 51 0.83 11.73 1.84
C CYS A 51 -0.13 10.56 1.60
N TYR A 52 -0.21 10.07 0.35
CA TYR A 52 -1.14 9.00 -0.05
C TYR A 52 -0.36 7.68 -0.13
N CYS A 53 -0.18 7.08 -1.31
CA CYS A 53 0.25 5.66 -1.46
C CYS A 53 1.77 5.54 -1.33
N ALA A 54 2.25 4.29 -1.19
CA ALA A 54 3.64 3.96 -0.79
C ALA A 54 4.57 3.93 -2.01
N VAL A 55 4.15 4.48 -3.14
CA VAL A 55 5.06 4.75 -4.29
C VAL A 55 6.12 5.77 -3.83
N GLY A 56 5.70 6.79 -3.07
CA GLY A 56 6.60 7.79 -2.47
C GLY A 56 7.03 8.85 -3.47
N CYS A 57 6.08 9.38 -4.24
CA CYS A 57 6.28 10.44 -5.26
C CYS A 57 6.73 11.74 -4.59
N GLY A 58 7.68 12.45 -5.22
CA GLY A 58 8.17 13.77 -4.79
C GLY A 58 7.22 14.88 -5.20
N LEU A 59 6.96 15.82 -4.27
CA LEU A 59 6.17 17.06 -4.50
C LEU A 59 7.09 18.27 -4.44
N ILE A 60 6.65 19.39 -5.03
CA ILE A 60 7.15 20.76 -4.71
C ILE A 60 5.96 21.58 -4.20
N VAL A 61 6.10 22.15 -3.01
CA VAL A 61 5.07 22.98 -2.32
C VAL A 61 5.52 24.44 -2.39
N HIS A 62 4.79 25.27 -3.13
CA HIS A 62 4.96 26.75 -3.18
C HIS A 62 4.14 27.36 -2.04
N THR A 63 4.82 28.07 -1.13
CA THR A 63 4.25 28.61 0.13
C THR A 63 4.31 30.14 0.12
N ALA A 64 3.20 30.80 0.42
CA ALA A 64 3.08 32.28 0.50
C ALA A 64 4.07 32.80 1.55
N LYS A 65 5.02 33.65 1.14
CA LYS A 65 6.07 34.23 2.02
C LYS A 65 5.40 35.01 3.17
N GLY A 69 1.11 32.39 6.08
CA GLY A 69 2.01 31.87 5.03
C GLY A 69 1.57 30.51 4.53
N ARG A 70 0.46 30.46 3.78
CA ARG A 70 -0.24 29.22 3.36
C ARG A 70 0.29 28.79 1.98
N ALA A 71 0.12 27.51 1.64
CA ALA A 71 0.46 26.92 0.32
C ALA A 71 -0.46 27.54 -0.74
N VAL A 72 0.12 27.97 -1.88
CA VAL A 72 -0.60 28.57 -3.03
C VAL A 72 -0.62 27.57 -4.20
N ASN A 73 0.31 26.61 -4.23
CA ASN A 73 0.42 25.56 -5.29
C ASN A 73 1.09 24.31 -4.71
N VAL A 74 0.65 23.13 -5.15
CA VAL A 74 1.33 21.82 -4.91
C VAL A 74 1.24 21.00 -6.20
N GLU A 75 2.39 20.63 -6.76
CA GLU A 75 2.51 19.70 -7.91
C GLU A 75 3.76 18.83 -7.70
N GLY A 76 4.08 17.99 -8.69
CA GLY A 76 5.15 16.97 -8.58
C GLY A 76 6.53 17.58 -8.64
N ASP A 77 7.52 16.88 -8.09
CA ASP A 77 8.95 17.26 -8.09
C ASP A 77 9.61 16.65 -9.33
N PRO A 78 10.03 17.46 -10.33
CA PRO A 78 10.55 16.91 -11.58
C PRO A 78 11.91 16.20 -11.43
N ASP A 79 12.59 16.36 -10.28
CA ASP A 79 13.95 15.81 -10.02
C ASP A 79 13.85 14.48 -9.26
N HIS A 80 12.66 14.10 -8.78
CA HIS A 80 12.44 12.82 -8.05
C HIS A 80 12.61 11.64 -9.01
N PRO A 81 13.44 10.62 -8.67
CA PRO A 81 13.72 9.53 -9.59
C PRO A 81 12.59 8.52 -9.81
N ILE A 82 11.53 8.55 -8.99
CA ILE A 82 10.39 7.59 -9.07
C ILE A 82 9.30 8.18 -9.98
N ASN A 83 8.79 9.38 -9.67
CA ASN A 83 7.63 9.97 -10.38
C ASN A 83 8.08 10.97 -11.46
N GLU A 84 9.29 11.53 -11.36
CA GLU A 84 9.85 12.46 -12.38
C GLU A 84 8.87 13.62 -12.65
N GLY A 85 8.21 14.14 -11.62
CA GLY A 85 7.26 15.27 -11.70
C GLY A 85 5.80 14.83 -11.79
N SER A 86 5.56 13.55 -12.10
CA SER A 86 4.22 12.96 -12.29
C SER A 86 3.47 12.86 -10.96
N LEU A 87 2.16 13.07 -10.98
CA LEU A 87 1.24 12.79 -9.85
C LEU A 87 -0.08 12.26 -10.41
N CYS A 88 -0.64 11.25 -9.75
CA CYS A 88 -2.02 10.75 -9.97
C CYS A 88 -2.99 11.78 -9.40
N PRO A 89 -4.33 11.58 -9.46
CA PRO A 89 -5.25 12.65 -9.07
C PRO A 89 -5.23 12.94 -7.56
N LYS A 90 -4.78 11.97 -6.76
CA LYS A 90 -4.70 12.11 -5.27
C LYS A 90 -3.54 13.04 -4.92
N GLY A 91 -2.33 12.77 -5.45
CA GLY A 91 -1.15 13.63 -5.31
C GLY A 91 -1.39 15.02 -5.88
N ALA A 92 -2.05 15.11 -7.03
CA ALA A 92 -2.28 16.35 -7.80
C ALA A 92 -3.29 17.26 -7.08
N SER A 93 -4.01 16.75 -6.08
CA SER A 93 -5.10 17.47 -5.36
C SER A 93 -4.71 17.73 -3.90
N ILE A 94 -3.44 17.58 -3.53
CA ILE A 94 -2.97 17.74 -2.12
C ILE A 94 -3.15 19.21 -1.68
N PHE A 95 -3.15 20.17 -2.61
CA PHE A 95 -3.47 21.59 -2.32
C PHE A 95 -4.88 21.69 -1.74
N GLN A 96 -5.86 21.05 -2.39
CA GLN A 96 -7.30 21.05 -2.01
C GLN A 96 -7.50 20.40 -0.64
N LEU A 97 -6.60 19.49 -0.25
CA LEU A 97 -6.58 18.83 1.09
C LEU A 97 -5.98 19.79 2.12
N GLY A 98 -4.78 20.32 1.82
CA GLY A 98 -3.98 21.17 2.73
C GLY A 98 -4.62 22.52 2.99
N GLU A 99 -5.30 23.08 1.98
CA GLU A 99 -6.03 24.39 2.07
C GLU A 99 -7.53 24.12 1.97
N ASN A 100 -8.03 23.24 2.83
CA ASN A 100 -9.45 22.79 2.90
C ASN A 100 -10.15 23.52 4.06
N ASP A 101 -11.37 23.98 3.84
CA ASP A 101 -12.14 24.81 4.82
C ASP A 101 -12.98 23.91 5.74
N GLN A 102 -13.06 22.61 5.42
CA GLN A 102 -13.79 21.60 6.26
C GLN A 102 -12.84 21.00 7.31
N ARG A 103 -11.55 21.35 7.27
CA ARG A 103 -10.49 20.81 8.16
C ARG A 103 -10.69 21.28 9.60
N GLY A 104 -10.17 20.51 10.55
CA GLY A 104 -10.23 20.79 11.99
C GLY A 104 -9.38 22.00 12.37
N THR A 105 -10.04 23.09 12.76
CA THR A 105 -9.48 24.17 13.61
C THR A 105 -9.62 23.72 15.07
N GLN A 106 -8.58 23.95 15.88
CA GLN A 106 -8.54 23.80 17.38
C GLN A 106 -9.28 22.54 17.84
N PRO A 107 -8.82 21.90 18.96
CA PRO A 107 -9.43 20.65 19.42
C PRO A 107 -10.85 20.86 19.93
N LEU A 108 -11.72 19.90 19.63
CA LEU A 108 -13.12 19.87 20.09
C LEU A 108 -13.21 18.89 21.27
N TYR A 109 -14.08 19.19 22.24
CA TYR A 109 -14.43 18.29 23.36
C TYR A 109 -15.92 17.95 23.28
N ARG A 110 -16.24 16.65 23.20
CA ARG A 110 -17.61 16.13 23.46
C ARG A 110 -17.65 15.54 24.87
N ALA A 111 -18.33 16.21 25.79
CA ALA A 111 -18.76 15.66 27.10
C ALA A 111 -19.70 14.49 26.84
N PRO A 112 -19.81 13.51 27.76
CA PRO A 112 -20.66 12.34 27.55
C PRO A 112 -22.15 12.71 27.33
N PHE A 113 -22.85 11.91 26.51
CA PHE A 113 -24.31 12.00 26.24
C PHE A 113 -24.65 13.28 25.46
N SER A 114 -23.64 14.09 25.10
CA SER A 114 -23.81 15.41 24.44
C SER A 114 -24.16 15.22 22.96
N ASP A 115 -24.74 16.25 22.33
CA ASP A 115 -25.15 16.26 20.91
C ASP A 115 -24.15 17.07 20.06
N THR A 116 -23.17 17.73 20.69
CA THR A 116 -22.29 18.71 20.00
C THR A 116 -20.90 18.83 20.64
N TRP A 117 -19.97 19.37 19.86
CA TRP A 117 -18.57 19.69 20.24
C TRP A 117 -18.53 21.00 21.05
N LYS A 118 -17.35 21.33 21.59
CA LYS A 118 -17.03 22.63 22.22
C LYS A 118 -15.54 22.91 21.99
N PRO A 119 -15.16 23.97 21.23
CA PRO A 119 -13.75 24.24 20.94
C PRO A 119 -12.97 24.63 22.21
N VAL A 120 -12.13 23.70 22.71
CA VAL A 120 -11.26 23.89 23.90
C VAL A 120 -9.86 24.27 23.41
N THR A 121 -8.93 24.53 24.33
CA THR A 121 -7.52 24.88 24.01
C THR A 121 -6.64 23.63 24.05
N TRP A 122 -5.45 23.72 23.44
CA TRP A 122 -4.33 22.76 23.54
C TRP A 122 -4.14 22.36 25.01
N ASP A 123 -4.05 23.36 25.91
CA ASP A 123 -3.71 23.16 27.35
C ASP A 123 -4.81 22.35 28.05
N PHE A 124 -6.10 22.68 27.83
CA PHE A 124 -7.24 21.91 28.40
C PHE A 124 -7.14 20.47 27.91
N ALA A 125 -7.10 20.29 26.58
CA ALA A 125 -7.22 19.00 25.87
C ALA A 125 -6.17 18.01 26.36
N LEU A 126 -4.90 18.43 26.43
CA LEU A 126 -3.75 17.53 26.72
C LEU A 126 -3.66 17.22 28.22
N THR A 127 -4.00 18.17 29.10
CA THR A 127 -4.02 17.98 30.58
C THR A 127 -5.13 16.97 30.95
N GLU A 128 -6.37 17.22 30.49
CA GLU A 128 -7.55 16.37 30.81
C GLU A 128 -7.31 14.93 30.34
N ILE A 129 -6.77 14.77 29.13
CA ILE A 129 -6.49 13.43 28.52
C ILE A 129 -5.42 12.72 29.36
N ALA A 130 -4.33 13.43 29.69
CA ALA A 130 -3.20 12.93 30.51
C ALA A 130 -3.72 12.44 31.86
N LYS A 131 -4.77 13.07 32.38
CA LYS A 131 -5.50 12.61 33.59
C LYS A 131 -6.23 11.32 33.25
N ARG A 132 -7.04 11.31 32.18
CA ARG A 132 -7.89 10.15 31.78
C ARG A 132 -7.04 8.89 31.59
N ILE A 133 -5.89 9.00 30.92
CA ILE A 133 -4.92 7.88 30.74
C ILE A 133 -4.53 7.37 32.12
N LYS A 134 -3.91 8.25 32.92
CA LYS A 134 -3.36 7.94 34.27
C LYS A 134 -4.41 7.18 35.10
N LYS A 135 -5.64 7.71 35.16
CA LYS A 135 -6.74 7.14 36.00
C LYS A 135 -7.03 5.71 35.54
N THR A 136 -7.31 5.53 34.25
CA THR A 136 -7.70 4.23 33.63
C THR A 136 -6.57 3.20 33.80
N ARG A 137 -5.32 3.64 33.66
CA ARG A 137 -4.09 2.80 33.84
C ARG A 137 -4.03 2.31 35.28
N ASP A 138 -3.98 3.24 36.24
CA ASP A 138 -3.85 2.97 37.70
C ASP A 138 -4.84 1.89 38.13
N ALA A 139 -6.08 1.94 37.64
CA ALA A 139 -7.20 1.07 38.04
C ALA A 139 -6.97 -0.38 37.57
N SER A 140 -6.52 -0.56 36.32
CA SER A 140 -6.53 -1.86 35.60
C SER A 140 -5.12 -2.42 35.37
N PHE A 141 -4.06 -1.72 35.82
CA PHE A 141 -2.64 -2.14 35.62
C PHE A 141 -2.40 -3.47 36.33
N THR A 142 -1.89 -4.46 35.59
CA THR A 142 -1.60 -5.84 36.05
C THR A 142 -0.07 -5.99 36.18
N GLU A 143 0.43 -6.11 37.41
CA GLU A 143 1.87 -6.34 37.70
C GLU A 143 2.24 -7.77 37.30
N LYS A 144 1.43 -8.76 37.72
CA LYS A 144 1.61 -10.20 37.43
C LYS A 144 0.28 -10.80 36.95
N ASN A 145 0.34 -11.78 36.04
CA ASN A 145 -0.85 -12.43 35.40
C ASN A 145 -1.39 -13.53 36.34
N ALA A 146 -2.39 -14.28 35.87
CA ALA A 146 -3.09 -15.36 36.61
C ALA A 146 -2.12 -16.49 36.98
N ALA A 147 -1.13 -16.76 36.11
CA ALA A 147 -0.09 -17.80 36.30
C ALA A 147 0.95 -17.35 37.32
N GLY A 148 1.03 -16.04 37.59
CA GLY A 148 1.97 -15.44 38.56
C GLY A 148 3.22 -14.89 37.89
N ASP A 149 3.20 -14.74 36.55
CA ASP A 149 4.32 -14.22 35.73
C ASP A 149 4.19 -12.70 35.60
N LEU A 150 5.33 -11.99 35.67
CA LEU A 150 5.41 -10.51 35.50
C LEU A 150 4.98 -10.13 34.08
N VAL A 151 4.06 -9.16 33.95
CA VAL A 151 3.50 -8.68 32.65
C VAL A 151 3.45 -7.15 32.61
N ASN A 152 3.22 -6.47 33.74
CA ASN A 152 3.33 -4.99 33.89
C ASN A 152 2.62 -4.28 32.73
N ARG A 153 1.33 -4.58 32.54
CA ARG A 153 0.53 -4.12 31.38
C ARG A 153 -0.83 -3.57 31.83
N THR A 154 -1.43 -2.75 30.97
CA THR A 154 -2.83 -2.25 31.03
C THR A 154 -3.62 -2.88 29.90
N GLU A 155 -4.68 -3.64 30.21
CA GLU A 155 -5.55 -4.34 29.21
C GLU A 155 -6.84 -3.57 28.95
N ALA A 156 -7.01 -2.40 29.58
CA ALA A 156 -8.25 -1.59 29.54
C ALA A 156 -8.16 -0.51 28.46
N ILE A 157 -6.97 -0.28 27.89
CA ILE A 157 -6.71 0.74 26.84
C ILE A 157 -6.20 0.03 25.58
N ALA A 158 -6.77 0.37 24.42
CA ALA A 158 -6.32 -0.06 23.08
C ALA A 158 -5.93 1.17 22.25
N SER A 159 -5.14 0.99 21.19
CA SER A 159 -4.71 2.07 20.27
C SER A 159 -4.71 1.55 18.82
N PHE A 160 -5.35 2.28 17.92
CA PHE A 160 -5.33 2.06 16.45
C PHE A 160 -4.66 3.27 15.78
N GLY A 161 -3.54 3.03 15.08
CA GLY A 161 -2.93 4.00 14.15
C GLY A 161 -1.46 4.30 14.47
N SER A 162 -0.73 4.84 13.49
CA SER A 162 -1.22 5.06 12.14
C SER A 162 -0.05 5.14 11.16
N ALA A 163 -0.22 4.53 9.99
CA ALA A 163 0.72 4.55 8.85
C ALA A 163 0.76 5.94 8.20
N ALA A 164 -0.18 6.83 8.53
CA ALA A 164 -0.28 8.21 8.01
C ALA A 164 0.73 9.13 8.71
N MET A 165 1.22 8.74 9.90
CA MET A 165 2.18 9.54 10.69
C MET A 165 3.60 9.37 10.13
N ASP A 166 4.47 10.35 10.36
CA ASP A 166 5.92 10.30 10.06
C ASP A 166 6.56 9.14 10.82
N ASN A 167 7.71 8.68 10.35
CA ASN A 167 8.44 7.52 10.92
C ASN A 167 8.88 7.87 12.35
N GLU A 168 9.34 9.11 12.55
CA GLU A 168 9.80 9.63 13.85
C GLU A 168 8.65 9.63 14.86
N GLU A 169 7.45 10.02 14.41
CA GLU A 169 6.22 10.12 15.23
C GLU A 169 5.69 8.73 15.58
N CYS A 170 5.68 7.80 14.60
CA CYS A 170 5.21 6.40 14.75
C CYS A 170 5.97 5.69 15.89
N TRP A 171 7.30 5.82 15.89
CA TRP A 171 8.22 5.22 16.89
C TRP A 171 7.96 5.81 18.28
N ALA A 172 7.93 7.15 18.36
CA ALA A 172 7.60 7.92 19.59
C ALA A 172 6.28 7.41 20.17
N TYR A 173 5.26 7.25 19.32
CA TYR A 173 3.88 6.86 19.70
C TYR A 173 3.88 5.46 20.34
N GLY A 174 4.51 4.48 19.68
CA GLY A 174 4.63 3.10 20.17
C GLY A 174 5.26 3.04 21.54
N ASN A 175 6.38 3.74 21.72
CA ASN A 175 7.15 3.77 23.00
C ASN A 175 6.34 4.45 24.10
N ILE A 176 5.58 5.50 23.77
CA ILE A 176 4.66 6.20 24.71
C ILE A 176 3.60 5.19 25.19
N LEU A 177 2.94 4.50 24.26
CA LEU A 177 1.87 3.52 24.57
C LEU A 177 2.44 2.37 25.40
N ARG A 178 3.65 1.92 25.10
CA ARG A 178 4.31 0.77 25.78
C ARG A 178 4.78 1.21 27.18
N SER A 179 5.31 2.43 27.31
CA SER A 179 5.69 3.04 28.62
C SER A 179 4.44 3.23 29.49
N LEU A 180 3.26 3.38 28.87
CA LEU A 180 1.95 3.42 29.56
C LEU A 180 1.43 1.99 29.82
N GLY A 181 2.14 0.97 29.31
CA GLY A 181 1.88 -0.45 29.60
C GLY A 181 0.87 -1.08 28.65
N LEU A 182 0.66 -0.50 27.47
CA LEU A 182 -0.32 -1.02 26.47
C LEU A 182 0.29 -2.25 25.77
N VAL A 183 -0.55 -3.26 25.53
CA VAL A 183 -0.23 -4.44 24.66
C VAL A 183 -1.09 -4.36 23.40
N TYR A 184 -2.32 -3.83 23.49
CA TYR A 184 -3.30 -3.77 22.38
C TYR A 184 -2.99 -2.54 21.51
N ILE A 185 -1.84 -2.58 20.83
CA ILE A 185 -1.30 -1.51 19.94
C ILE A 185 -1.31 -2.03 18.49
N GLU A 186 -2.21 -1.50 17.66
CA GLU A 186 -2.45 -1.96 16.26
C GLU A 186 -2.47 -0.74 15.32
N HIS A 187 -2.49 -0.99 14.01
CA HIS A 187 -2.72 0.05 12.97
C HIS A 187 -3.08 -0.61 11.64
N GLN A 188 -3.05 0.16 10.55
CA GLN A 188 -3.44 -0.27 9.17
C GLN A 188 -2.85 -1.65 8.85
N ALA A 189 -1.57 -1.86 9.17
CA ALA A 189 -0.78 -3.05 8.73
C ALA A 189 -1.55 -4.34 9.02
N ARG A 190 -2.20 -4.43 10.19
CA ARG A 190 -2.96 -5.63 10.64
C ARG A 190 -3.97 -6.05 9.57
N ILE A 191 -4.69 -5.08 9.01
CA ILE A 191 -5.84 -5.32 8.08
C ILE A 191 -5.39 -5.03 6.64
N CYS A 192 -4.09 -5.08 6.38
CA CYS A 192 -3.47 -4.75 5.06
C CYS A 192 -2.47 -5.83 4.63
N HIS A 193 -1.16 -5.64 4.90
CA HIS A 193 -0.07 -6.56 4.48
C HIS A 193 0.46 -7.37 5.66
N SER A 194 -0.30 -7.49 6.77
CA SER A 194 0.11 -8.30 7.94
C SER A 194 0.51 -9.72 7.50
N PRO A 195 -0.21 -10.35 6.54
CA PRO A 195 0.17 -11.70 6.07
C PRO A 195 1.51 -11.76 5.31
N THR A 196 1.86 -10.68 4.61
CA THR A 196 3.11 -10.57 3.81
C THR A 196 4.32 -10.81 4.71
N VAL A 197 4.29 -10.31 5.94
CA VAL A 197 5.49 -10.29 6.84
C VAL A 197 5.90 -11.73 7.15
N PRO A 198 5.05 -12.57 7.80
CA PRO A 198 5.41 -13.97 8.05
C PRO A 198 5.54 -14.80 6.76
N ALA A 199 4.71 -14.53 5.76
CA ALA A 199 4.72 -15.24 4.45
C ALA A 199 6.12 -15.13 3.81
N LEU A 200 6.67 -13.92 3.70
CA LEU A 200 7.98 -13.69 3.04
C LEU A 200 9.13 -13.98 4.02
N ALA A 201 8.94 -13.75 5.32
CA ALA A 201 9.93 -14.06 6.38
C ALA A 201 10.14 -15.59 6.40
N GLU A 202 9.05 -16.36 6.32
CA GLU A 202 9.11 -17.84 6.22
C GLU A 202 9.93 -18.20 4.97
N SER A 203 9.67 -17.51 3.85
CA SER A 203 10.20 -17.82 2.50
C SER A 203 11.64 -17.31 2.34
N PHE A 204 11.93 -16.06 2.71
CA PHE A 204 13.20 -15.35 2.41
C PHE A 204 13.92 -14.87 3.67
N GLY A 205 13.22 -14.69 4.79
CA GLY A 205 13.81 -14.24 6.06
C GLY A 205 13.47 -12.79 6.41
N ARG A 206 12.91 -12.02 5.48
CA ARG A 206 12.38 -10.65 5.75
C ARG A 206 10.97 -10.53 5.17
N GLY A 207 10.16 -9.64 5.77
CA GLY A 207 8.72 -9.49 5.47
C GLY A 207 8.42 -8.37 4.47
N ALA A 208 9.45 -7.70 3.93
CA ALA A 208 9.32 -6.46 3.12
C ALA A 208 9.32 -6.77 1.62
N MET A 209 8.82 -5.82 0.82
CA MET A 209 8.98 -5.78 -0.66
C MET A 209 10.47 -5.99 -0.97
N THR A 210 10.77 -6.96 -1.84
CA THR A 210 12.14 -7.48 -2.06
C THR A 210 12.93 -6.53 -2.95
N ASN A 211 12.25 -5.89 -3.92
CA ASN A 211 12.89 -4.95 -4.88
C ASN A 211 12.33 -3.54 -4.61
N HIS A 212 12.01 -2.78 -5.66
CA HIS A 212 11.52 -1.38 -5.55
C HIS A 212 10.93 -0.95 -6.90
N TRP A 213 10.28 0.21 -6.92
CA TRP A 213 9.45 0.70 -8.06
C TRP A 213 10.28 0.80 -9.34
N ASN A 214 11.43 1.49 -9.27
CA ASN A 214 12.31 1.75 -10.43
C ASN A 214 12.73 0.42 -11.08
N ASP A 215 12.91 -0.63 -10.28
CA ASP A 215 13.46 -1.95 -10.69
C ASP A 215 12.47 -2.72 -11.59
N LEU A 216 11.18 -2.39 -11.54
CA LEU A 216 10.12 -3.05 -12.35
C LEU A 216 10.43 -2.93 -13.85
N ALA A 217 11.11 -1.86 -14.25
CA ALA A 217 11.47 -1.54 -15.65
C ALA A 217 12.43 -2.59 -16.21
N ASN A 218 13.07 -3.39 -15.34
CA ASN A 218 14.10 -4.39 -15.71
C ASN A 218 13.46 -5.77 -15.95
N SER A 219 12.16 -5.92 -15.67
CA SER A 219 11.45 -7.22 -15.72
C SER A 219 11.22 -7.63 -17.18
N ASP A 220 11.20 -8.94 -17.44
CA ASP A 220 10.88 -9.58 -18.74
C ASP A 220 9.42 -10.08 -18.73
N CYS A 221 8.83 -10.26 -17.55
CA CYS A 221 7.40 -10.66 -17.38
C CYS A 221 6.87 -10.11 -16.06
N ILE A 222 5.93 -9.16 -16.13
CA ILE A 222 5.29 -8.54 -14.93
C ILE A 222 3.90 -9.17 -14.79
N LEU A 223 3.73 -10.03 -13.78
CA LEU A 223 2.42 -10.58 -13.36
C LEU A 223 1.84 -9.65 -12.30
N ILE A 224 0.69 -9.04 -12.59
CA ILE A 224 -0.08 -8.22 -11.61
C ILE A 224 -1.30 -9.05 -11.18
N MET A 225 -1.30 -9.49 -9.92
CA MET A 225 -2.29 -10.46 -9.41
C MET A 225 -2.59 -10.14 -7.94
N GLY A 226 -3.87 -9.94 -7.63
CA GLY A 226 -4.31 -9.41 -6.32
C GLY A 226 -3.85 -7.97 -6.14
N SER A 227 -3.71 -7.25 -7.24
CA SER A 227 -3.29 -5.82 -7.28
C SER A 227 -3.99 -5.15 -8.46
N ASN A 228 -4.34 -3.87 -8.29
CA ASN A 228 -4.87 -3.01 -9.37
C ASN A 228 -3.91 -1.82 -9.51
N ALA A 229 -2.62 -2.10 -9.75
CA ALA A 229 -1.48 -1.18 -9.67
C ALA A 229 -1.69 0.12 -10.48
N ALA A 230 -2.37 0.07 -11.64
CA ALA A 230 -2.62 1.27 -12.47
C ALA A 230 -3.54 2.26 -11.74
N GLU A 231 -4.40 1.78 -10.85
CA GLU A 231 -5.34 2.64 -10.06
C GLU A 231 -4.74 2.95 -8.68
N ASN A 232 -4.08 1.98 -8.03
CA ASN A 232 -3.74 2.05 -6.59
C ASN A 232 -2.25 2.33 -6.36
N HIS A 233 -1.40 2.19 -7.37
CA HIS A 233 0.00 2.69 -7.37
C HIS A 233 0.30 3.31 -8.73
N PRO A 234 -0.47 4.33 -9.16
CA PRO A 234 -0.46 4.80 -10.54
C PRO A 234 0.93 5.10 -11.14
N ILE A 235 1.81 5.76 -10.40
CA ILE A 235 3.18 6.14 -10.89
C ILE A 235 4.01 4.87 -11.13
N ALA A 236 3.64 3.74 -10.51
CA ALA A 236 4.29 2.43 -10.74
C ALA A 236 4.22 2.05 -12.23
N PHE A 237 3.16 2.45 -12.92
CA PHE A 237 2.91 2.08 -14.34
C PHE A 237 3.86 2.84 -15.27
N LYS A 238 4.50 3.91 -14.79
CA LYS A 238 5.65 4.55 -15.50
C LYS A 238 6.72 3.48 -15.79
N TRP A 239 7.01 2.65 -14.79
CA TRP A 239 8.12 1.67 -14.80
C TRP A 239 7.64 0.34 -15.39
N VAL A 240 6.36 -0.02 -15.19
CA VAL A 240 5.74 -1.24 -15.78
C VAL A 240 5.71 -1.08 -17.31
N LEU A 241 5.35 0.10 -17.81
CA LEU A 241 5.25 0.37 -19.27
C LEU A 241 6.67 0.44 -19.87
N ARG A 242 7.66 0.92 -19.11
CA ARG A 242 9.08 0.97 -19.55
C ARG A 242 9.65 -0.45 -19.66
N ALA A 243 9.20 -1.37 -18.80
CA ALA A 243 9.49 -2.82 -18.92
C ALA A 243 8.98 -3.31 -20.27
N LYS A 244 7.73 -2.95 -20.62
CA LYS A 244 7.06 -3.41 -21.85
C LYS A 244 7.78 -2.84 -23.08
N ASP A 245 8.26 -1.59 -22.99
CA ASP A 245 9.03 -0.92 -24.08
C ASP A 245 10.24 -1.78 -24.46
N LYS A 246 10.85 -2.46 -23.48
CA LYS A 246 12.09 -3.27 -23.66
C LYS A 246 11.76 -4.76 -23.79
N GLY A 247 10.50 -5.10 -24.07
CA GLY A 247 10.08 -6.44 -24.55
C GLY A 247 9.26 -7.22 -23.52
N ALA A 248 9.05 -6.69 -22.32
CA ALA A 248 8.37 -7.41 -21.21
C ALA A 248 6.91 -7.67 -21.57
N THR A 249 6.40 -8.86 -21.21
CA THR A 249 4.97 -9.23 -21.27
C THR A 249 4.29 -8.81 -19.97
N LEU A 250 3.18 -8.06 -20.07
CA LEU A 250 2.37 -7.59 -18.90
C LEU A 250 1.12 -8.48 -18.79
N ILE A 251 0.91 -9.06 -17.61
CA ILE A 251 -0.23 -9.98 -17.32
C ILE A 251 -1.00 -9.44 -16.12
N HIS A 252 -2.30 -9.21 -16.26
CA HIS A 252 -3.22 -8.89 -15.14
C HIS A 252 -4.15 -10.08 -14.92
N VAL A 253 -4.14 -10.65 -13.70
CA VAL A 253 -5.09 -11.72 -13.28
C VAL A 253 -5.93 -11.16 -12.13
N ASP A 254 -7.22 -10.97 -12.36
CA ASP A 254 -8.14 -10.21 -11.48
C ASP A 254 -9.58 -10.62 -11.78
N PRO A 255 -10.45 -10.73 -10.75
CA PRO A 255 -11.88 -10.98 -10.98
C PRO A 255 -12.51 -10.02 -12.00
N ARG A 256 -12.10 -8.75 -11.94
CA ARG A 256 -12.65 -7.64 -12.76
C ARG A 256 -11.62 -7.23 -13.82
N PHE A 257 -12.10 -6.75 -14.98
CA PHE A 257 -11.29 -5.99 -15.96
C PHE A 257 -11.24 -4.53 -15.46
N THR A 258 -10.02 -4.02 -15.24
CA THR A 258 -9.77 -2.71 -14.60
C THR A 258 -8.96 -1.82 -15.55
N ARG A 259 -8.61 -0.62 -15.07
CA ARG A 259 -7.79 0.36 -15.84
C ARG A 259 -6.37 -0.20 -15.99
N THR A 260 -5.95 -1.07 -15.07
CA THR A 260 -4.70 -1.89 -15.18
C THR A 260 -4.81 -2.84 -16.38
N SER A 261 -5.91 -3.61 -16.45
CA SER A 261 -6.16 -4.65 -17.48
C SER A 261 -6.08 -4.05 -18.88
N ALA A 262 -6.51 -2.79 -19.04
CA ALA A 262 -6.57 -2.05 -20.34
C ALA A 262 -5.18 -1.93 -20.96
N ARG A 263 -4.12 -1.93 -20.14
CA ARG A 263 -2.73 -1.61 -20.57
C ARG A 263 -1.83 -2.86 -20.49
N CYS A 264 -2.41 -4.04 -20.26
CA CYS A 264 -1.68 -5.33 -20.18
C CYS A 264 -1.84 -6.11 -21.48
N ASP A 265 -0.89 -7.00 -21.78
CA ASP A 265 -0.85 -7.83 -23.02
C ASP A 265 -1.83 -9.00 -22.84
N VAL A 266 -1.90 -9.56 -21.63
CA VAL A 266 -2.79 -10.70 -21.25
C VAL A 266 -3.62 -10.28 -20.03
N TYR A 267 -4.95 -10.40 -20.12
CA TYR A 267 -5.88 -10.36 -18.98
C TYR A 267 -6.54 -11.74 -18.83
N ALA A 268 -6.64 -12.24 -17.61
CA ALA A 268 -7.38 -13.47 -17.25
C ALA A 268 -8.24 -13.21 -16.02
N PRO A 269 -9.53 -13.61 -16.01
CA PRO A 269 -10.35 -13.52 -14.81
C PRO A 269 -9.93 -14.60 -13.80
N ILE A 270 -10.15 -14.33 -12.51
CA ILE A 270 -10.00 -15.33 -11.41
C ILE A 270 -11.11 -15.04 -10.38
N ARG A 271 -11.78 -16.09 -9.90
CA ARG A 271 -12.78 -16.00 -8.82
C ARG A 271 -12.07 -15.56 -7.53
N SER A 272 -12.66 -14.64 -6.77
CA SER A 272 -12.15 -14.20 -5.45
C SER A 272 -12.01 -15.42 -4.53
N GLY A 273 -10.80 -15.67 -4.02
CA GLY A 273 -10.51 -16.73 -3.04
C GLY A 273 -9.95 -17.99 -3.69
N ALA A 274 -9.68 -17.96 -5.00
CA ALA A 274 -9.27 -19.12 -5.81
C ALA A 274 -7.79 -19.00 -6.26
N ASP A 275 -6.99 -18.20 -5.56
CA ASP A 275 -5.59 -17.89 -5.95
C ASP A 275 -4.70 -19.14 -5.82
N ILE A 276 -4.77 -19.85 -4.69
CA ILE A 276 -3.88 -21.03 -4.40
C ILE A 276 -4.04 -22.08 -5.50
N PRO A 277 -5.27 -22.47 -5.90
CA PRO A 277 -5.46 -23.34 -7.07
C PRO A 277 -4.67 -22.90 -8.30
N PHE A 278 -4.79 -21.62 -8.68
CA PHE A 278 -4.07 -20.99 -9.81
C PHE A 278 -2.55 -21.17 -9.62
N LEU A 279 -2.06 -20.83 -8.43
CA LEU A 279 -0.61 -20.78 -8.12
C LEU A 279 -0.07 -22.21 -7.95
N GLY A 280 -0.79 -23.07 -7.23
CA GLY A 280 -0.50 -24.52 -7.13
C GLY A 280 -0.46 -25.17 -8.50
N GLY A 281 -1.31 -24.71 -9.42
CA GLY A 281 -1.34 -25.14 -10.83
C GLY A 281 -0.04 -24.77 -11.54
N LEU A 282 0.50 -23.59 -11.26
CA LEU A 282 1.75 -23.07 -11.88
C LEU A 282 2.96 -23.82 -11.31
N ILE A 283 2.92 -24.20 -10.03
CA ILE A 283 4.00 -25.03 -9.38
C ILE A 283 4.13 -26.34 -10.15
N LYS A 284 3.03 -27.09 -10.24
CA LYS A 284 2.94 -28.39 -10.97
C LYS A 284 3.45 -28.19 -12.40
N TYR A 285 2.93 -27.15 -13.09
CA TYR A 285 3.27 -26.80 -14.49
C TYR A 285 4.79 -26.67 -14.63
N ILE A 286 5.41 -25.91 -13.72
CA ILE A 286 6.89 -25.63 -13.70
C ILE A 286 7.64 -26.95 -13.52
N LEU A 287 7.18 -27.80 -12.60
CA LEU A 287 7.87 -29.07 -12.23
C LEU A 287 7.73 -30.09 -13.36
N ASP A 288 6.50 -30.32 -13.85
CA ASP A 288 6.22 -31.29 -14.95
C ASP A 288 7.08 -30.94 -16.17
N ASN A 289 7.06 -29.67 -16.57
CA ASN A 289 7.68 -29.16 -17.83
C ASN A 289 9.14 -28.79 -17.59
N LYS A 290 9.64 -28.99 -16.37
CA LYS A 290 11.08 -28.79 -16.00
C LYS A 290 11.50 -27.37 -16.39
N LEU A 291 10.69 -26.38 -15.97
CA LEU A 291 10.89 -24.93 -16.27
C LEU A 291 11.53 -24.24 -15.07
N TYR A 292 11.85 -25.00 -14.00
CA TYR A 292 12.55 -24.50 -12.79
C TYR A 292 14.02 -24.22 -13.14
N PHE A 293 14.64 -23.29 -12.40
CA PHE A 293 16.07 -22.90 -12.50
C PHE A 293 16.87 -23.85 -11.60
N THR A 294 17.35 -24.96 -12.17
CA THR A 294 17.89 -26.15 -11.43
C THR A 294 18.99 -25.73 -10.45
N ASP A 295 20.04 -25.05 -10.93
CA ASP A 295 21.24 -24.68 -10.12
C ASP A 295 20.83 -23.73 -8.97
N TYR A 296 19.93 -22.79 -9.24
CA TYR A 296 19.35 -21.87 -8.24
C TYR A 296 18.62 -22.68 -7.17
N VAL A 297 17.73 -23.58 -7.60
CA VAL A 297 16.88 -24.41 -6.70
C VAL A 297 17.79 -25.26 -5.81
N ARG A 298 18.75 -25.98 -6.39
CA ARG A 298 19.65 -26.91 -5.67
C ARG A 298 20.50 -26.14 -4.64
N GLU A 299 21.06 -24.99 -5.01
CA GLU A 299 22.08 -24.27 -4.19
C GLU A 299 21.43 -23.31 -3.19
N TYR A 300 20.38 -22.58 -3.60
CA TYR A 300 19.89 -21.35 -2.91
C TYR A 300 18.53 -21.57 -2.23
N THR A 301 17.77 -22.62 -2.57
CA THR A 301 16.47 -22.96 -1.92
C THR A 301 16.69 -24.16 -0.99
N ASN A 302 15.65 -24.54 -0.23
CA ASN A 302 15.69 -25.71 0.69
C ASN A 302 15.15 -26.97 -0.02
N ALA A 303 15.23 -27.01 -1.36
CA ALA A 303 14.85 -28.17 -2.21
C ALA A 303 15.53 -29.45 -1.71
N SER A 304 16.79 -29.36 -1.27
CA SER A 304 17.69 -30.50 -0.93
C SER A 304 17.52 -30.95 0.52
N LEU A 305 16.82 -30.18 1.37
CA LEU A 305 16.69 -30.50 2.82
C LEU A 305 15.76 -31.71 2.99
N ILE A 306 16.05 -32.54 3.99
CA ILE A 306 15.30 -33.80 4.30
C ILE A 306 14.28 -33.49 5.40
N VAL A 307 12.99 -33.58 5.07
CA VAL A 307 11.86 -33.42 6.03
C VAL A 307 11.72 -34.73 6.83
N GLY A 308 11.52 -34.62 8.14
CA GLY A 308 11.35 -35.77 9.06
C GLY A 308 10.16 -36.63 8.67
N GLU A 309 10.16 -37.89 9.11
CA GLU A 309 9.13 -38.92 8.77
C GLU A 309 7.76 -38.52 9.30
N LYS A 310 7.70 -37.66 10.33
CA LYS A 310 6.44 -37.27 11.02
C LYS A 310 5.63 -36.29 10.17
N PHE A 311 6.20 -35.74 9.10
CA PHE A 311 5.46 -34.92 8.10
C PHE A 311 4.59 -35.84 7.24
N SER A 312 3.31 -35.51 7.14
CA SER A 312 2.34 -36.11 6.20
C SER A 312 1.21 -35.12 5.90
N PHE A 313 0.48 -35.35 4.81
CA PHE A 313 -0.72 -34.59 4.40
C PHE A 313 -1.70 -35.54 3.70
N LYS A 314 -2.94 -35.62 4.19
CA LYS A 314 -4.03 -36.42 3.58
C LYS A 314 -5.35 -35.68 3.69
N ASP A 315 -6.09 -35.56 2.58
CA ASP A 315 -7.47 -35.00 2.51
C ASP A 315 -7.53 -33.68 3.28
N GLY A 316 -6.59 -32.77 3.01
CA GLY A 316 -6.66 -31.35 3.41
C GLY A 316 -6.16 -31.07 4.82
N LEU A 317 -5.65 -32.09 5.52
CA LEU A 317 -5.04 -31.96 6.87
C LEU A 317 -3.58 -32.42 6.83
N PHE A 318 -2.66 -31.58 7.27
CA PHE A 318 -1.25 -31.95 7.57
C PHE A 318 -1.23 -32.74 8.88
N SER A 319 -0.11 -33.39 9.19
CA SER A 319 0.08 -34.14 10.46
C SER A 319 0.03 -33.17 11.65
N GLY A 320 -0.34 -33.69 12.82
CA GLY A 320 -0.32 -32.96 14.10
C GLY A 320 -1.52 -32.07 14.30
N TYR A 321 -2.62 -32.30 13.57
CA TYR A 321 -3.84 -31.47 13.66
C TYR A 321 -4.55 -31.74 14.99
N ASP A 322 -4.81 -30.67 15.75
CA ASP A 322 -5.57 -30.68 17.03
C ASP A 322 -6.93 -30.01 16.77
N ALA A 323 -7.97 -30.83 16.55
CA ALA A 323 -9.36 -30.40 16.20
C ALA A 323 -9.95 -29.55 17.33
N ALA A 324 -9.78 -29.98 18.59
CA ALA A 324 -10.40 -29.38 19.79
C ALA A 324 -9.93 -27.93 20.00
N ASN A 325 -8.68 -27.63 19.65
CA ASN A 325 -8.04 -26.30 19.90
C ASN A 325 -7.82 -25.55 18.58
N LYS A 326 -8.29 -26.11 17.45
CA LYS A 326 -8.17 -25.51 16.10
C LYS A 326 -6.72 -25.06 15.89
N LYS A 327 -5.76 -25.98 16.02
CA LYS A 327 -4.31 -25.70 15.86
C LYS A 327 -3.57 -26.96 15.42
N TYR A 328 -2.33 -26.80 14.97
CA TYR A 328 -1.41 -27.88 14.51
C TYR A 328 -0.21 -27.97 15.47
N ASP A 329 0.28 -29.18 15.71
CA ASP A 329 1.59 -29.43 16.38
C ASP A 329 2.69 -29.34 15.31
N LYS A 330 3.33 -28.17 15.19
CA LYS A 330 4.28 -27.84 14.10
C LYS A 330 5.54 -28.71 14.20
N SER A 331 5.85 -29.24 15.40
CA SER A 331 7.02 -30.12 15.65
C SER A 331 6.97 -31.37 14.75
N MET A 332 5.77 -31.75 14.30
CA MET A 332 5.54 -32.88 13.36
C MET A 332 6.12 -32.55 11.98
N TRP A 333 6.41 -31.27 11.70
CA TRP A 333 6.85 -30.78 10.37
C TRP A 333 8.37 -30.54 10.35
N ALA A 334 9.07 -30.81 11.45
CA ALA A 334 10.52 -30.53 11.63
C ALA A 334 11.34 -31.26 10.56
N PHE A 335 12.45 -30.66 10.12
CA PHE A 335 13.46 -31.29 9.22
C PHE A 335 14.18 -32.41 9.98
N GLU A 336 14.72 -33.36 9.23
CA GLU A 336 15.70 -34.36 9.72
C GLU A 336 17.04 -33.63 9.89
N LEU A 337 17.59 -33.67 11.11
CA LEU A 337 18.84 -32.96 11.49
C LEU A 337 20.01 -33.95 11.51
N ASP A 338 21.22 -33.48 11.17
CA ASP A 338 22.49 -34.22 11.38
C ASP A 338 22.89 -34.07 12.85
N ALA A 339 24.04 -34.62 13.25
CA ALA A 339 24.51 -34.69 14.65
C ALA A 339 24.80 -33.28 15.19
N ASN A 340 25.14 -32.33 14.31
CA ASN A 340 25.49 -30.93 14.67
C ASN A 340 24.22 -30.07 14.79
N GLY A 341 23.06 -30.60 14.40
CA GLY A 341 21.77 -29.89 14.49
C GLY A 341 21.41 -29.20 13.19
N VAL A 342 22.24 -29.37 12.15
CA VAL A 342 22.05 -28.78 10.80
C VAL A 342 21.11 -29.70 10.01
N PRO A 343 19.99 -29.19 9.48
CA PRO A 343 19.11 -29.99 8.62
C PRO A 343 19.91 -30.76 7.56
N LYS A 344 19.65 -32.07 7.43
CA LYS A 344 20.31 -32.97 6.45
C LYS A 344 19.94 -32.50 5.04
N ARG A 345 20.89 -32.59 4.09
CA ARG A 345 20.67 -32.24 2.67
C ARG A 345 21.08 -33.42 1.77
N ASP A 346 20.30 -33.67 0.72
CA ASP A 346 20.68 -34.55 -0.44
C ASP A 346 20.84 -33.64 -1.66
N PRO A 347 22.07 -33.16 -1.97
CA PRO A 347 22.29 -32.25 -3.09
C PRO A 347 21.95 -32.82 -4.48
N ALA A 348 21.77 -34.14 -4.59
CA ALA A 348 21.32 -34.85 -5.81
C ALA A 348 19.80 -34.82 -5.92
N LEU A 349 19.09 -34.45 -4.84
CA LEU A 349 17.61 -34.25 -4.81
C LEU A 349 16.89 -35.57 -5.12
N LYS A 350 17.40 -36.69 -4.61
CA LYS A 350 16.91 -38.06 -4.93
C LYS A 350 16.13 -38.65 -3.75
N HIS A 351 16.49 -38.29 -2.51
CA HIS A 351 15.82 -38.79 -1.27
C HIS A 351 14.33 -38.49 -1.36
N PRO A 352 13.43 -39.47 -1.06
CA PRO A 352 11.99 -39.26 -1.18
C PRO A 352 11.40 -38.17 -0.27
N ARG A 353 12.07 -37.84 0.84
CA ARG A 353 11.61 -36.81 1.82
C ARG A 353 12.40 -35.52 1.65
N CYS A 354 13.15 -35.37 0.55
CA CYS A 354 13.68 -34.07 0.06
C CYS A 354 12.49 -33.13 -0.16
N VAL A 355 12.66 -31.84 0.16
CA VAL A 355 11.57 -30.83 0.06
C VAL A 355 11.02 -30.83 -1.37
N ILE A 356 11.91 -30.80 -2.38
CA ILE A 356 11.52 -30.71 -3.82
C ILE A 356 10.61 -31.88 -4.20
N ASN A 357 10.86 -33.07 -3.66
CA ASN A 357 10.11 -34.31 -4.00
C ASN A 357 8.77 -34.31 -3.28
N LEU A 358 8.74 -33.84 -2.03
CA LEU A 358 7.49 -33.62 -1.25
C LEU A 358 6.67 -32.51 -1.90
N LEU A 359 7.34 -31.53 -2.53
CA LEU A 359 6.69 -30.41 -3.26
C LEU A 359 5.97 -30.95 -4.49
N LYS A 360 6.67 -31.72 -5.34
CA LYS A 360 6.10 -32.39 -6.54
C LYS A 360 4.85 -33.16 -6.13
N LYS A 361 4.95 -33.94 -5.05
CA LYS A 361 3.88 -34.84 -4.53
C LYS A 361 2.65 -34.03 -4.13
N HIS A 362 2.82 -32.92 -3.42
CA HIS A 362 1.69 -32.10 -2.88
C HIS A 362 0.87 -31.48 -4.02
N TYR A 363 1.53 -30.95 -5.05
CA TYR A 363 0.89 -30.12 -6.12
C TYR A 363 0.60 -30.96 -7.37
N GLU A 364 0.66 -32.29 -7.26
CA GLU A 364 0.30 -33.23 -8.36
C GLU A 364 -1.22 -33.20 -8.57
N ARG A 365 -1.99 -32.90 -7.52
CA ARG A 365 -3.47 -32.80 -7.56
C ARG A 365 -3.93 -31.52 -8.30
N TYR A 366 -3.02 -30.57 -8.54
CA TYR A 366 -3.33 -29.24 -9.13
C TYR A 366 -3.14 -29.29 -10.66
N ASN A 367 -3.86 -30.22 -11.32
CA ASN A 367 -3.88 -30.34 -12.81
C ASN A 367 -4.74 -29.22 -13.40
N LEU A 368 -4.60 -28.96 -14.70
CA LEU A 368 -5.24 -27.84 -15.43
C LEU A 368 -6.77 -27.95 -15.34
N ASP A 369 -7.33 -29.15 -15.46
CA ASP A 369 -8.80 -29.41 -15.47
C ASP A 369 -9.41 -28.98 -14.13
N LYS A 370 -8.77 -29.33 -13.01
CA LYS A 370 -9.28 -29.05 -11.64
C LYS A 370 -9.13 -27.55 -11.33
N VAL A 371 -7.98 -26.96 -11.67
CA VAL A 371 -7.69 -25.51 -11.43
C VAL A 371 -8.71 -24.68 -12.21
N ALA A 372 -8.96 -25.02 -13.48
CA ALA A 372 -9.95 -24.36 -14.35
C ALA A 372 -11.34 -24.42 -13.68
N ALA A 373 -11.71 -25.60 -13.18
CA ALA A 373 -13.04 -25.88 -12.59
C ALA A 373 -13.30 -24.98 -11.37
N ILE A 374 -12.28 -24.69 -10.57
CA ILE A 374 -12.41 -24.02 -9.23
C ILE A 374 -12.12 -22.51 -9.34
N THR A 375 -11.32 -22.09 -10.32
CA THR A 375 -10.92 -20.66 -10.53
C THR A 375 -11.93 -19.94 -11.41
N GLY A 376 -12.49 -20.64 -12.41
CA GLY A 376 -13.33 -20.04 -13.47
C GLY A 376 -12.47 -19.62 -14.66
N THR A 377 -11.16 -19.50 -14.45
CA THR A 377 -10.15 -19.24 -15.51
C THR A 377 -10.14 -20.41 -16.49
N SER A 378 -10.28 -20.12 -17.79
CA SER A 378 -10.27 -21.12 -18.87
C SER A 378 -8.93 -21.85 -18.88
N LYS A 379 -8.95 -23.14 -19.27
CA LYS A 379 -7.75 -24.02 -19.35
C LYS A 379 -6.75 -23.41 -20.36
N GLU A 380 -7.24 -22.69 -21.37
CA GLU A 380 -6.42 -22.05 -22.44
C GLU A 380 -5.63 -20.88 -21.83
N GLN A 381 -6.28 -20.07 -20.99
CA GLN A 381 -5.69 -18.85 -20.38
C GLN A 381 -4.74 -19.24 -19.25
N LEU A 382 -5.04 -20.29 -18.48
CA LEU A 382 -4.10 -20.87 -17.50
C LEU A 382 -2.78 -21.20 -18.22
N GLN A 383 -2.85 -21.94 -19.34
CA GLN A 383 -1.66 -22.39 -20.10
C GLN A 383 -0.94 -21.19 -20.70
N GLN A 384 -1.69 -20.18 -21.19
CA GLN A 384 -1.13 -18.92 -21.74
C GLN A 384 -0.29 -18.23 -20.65
N VAL A 385 -0.89 -18.01 -19.48
CA VAL A 385 -0.25 -17.26 -18.36
C VAL A 385 0.90 -18.09 -17.79
N TYR A 386 0.68 -19.39 -17.58
CA TYR A 386 1.69 -20.37 -17.08
C TYR A 386 2.92 -20.35 -17.99
N LYS A 387 2.70 -20.49 -19.31
CA LYS A 387 3.79 -20.50 -20.33
C LYS A 387 4.59 -19.19 -20.26
N ALA A 388 3.90 -18.05 -20.27
CA ALA A 388 4.48 -16.70 -20.32
C ALA A 388 5.37 -16.44 -19.10
N TYR A 389 4.89 -16.77 -17.90
CA TYR A 389 5.58 -16.45 -16.62
C TYR A 389 6.72 -17.44 -16.35
N ALA A 390 6.47 -18.74 -16.55
CA ALA A 390 7.44 -19.84 -16.30
C ALA A 390 8.64 -19.72 -17.26
N ALA A 391 8.50 -18.98 -18.35
CA ALA A 391 9.57 -18.64 -19.31
C ALA A 391 10.75 -17.95 -18.60
N THR A 392 10.49 -17.25 -17.49
CA THR A 392 11.49 -16.47 -16.72
C THR A 392 12.33 -17.40 -15.82
N GLY A 393 12.00 -18.70 -15.77
CA GLY A 393 12.84 -19.75 -15.16
C GLY A 393 14.22 -19.80 -15.77
N LYS A 394 14.33 -19.38 -17.04
CA LYS A 394 15.60 -19.10 -17.76
C LYS A 394 16.46 -18.15 -16.91
N PRO A 395 17.75 -18.46 -16.68
CA PRO A 395 18.62 -17.64 -15.83
C PRO A 395 18.77 -16.16 -16.18
N ASP A 396 18.74 -15.80 -17.46
CA ASP A 396 18.95 -14.39 -17.93
C ASP A 396 17.60 -13.74 -18.23
N LYS A 397 16.49 -14.32 -17.76
CA LYS A 397 15.12 -13.73 -17.82
C LYS A 397 14.57 -13.59 -16.40
N ALA A 398 13.90 -12.47 -16.11
CA ALA A 398 13.38 -12.11 -14.77
C ALA A 398 11.86 -11.90 -14.84
N GLY A 399 11.12 -12.67 -14.04
CA GLY A 399 9.68 -12.49 -13.77
C GLY A 399 9.48 -11.88 -12.39
N THR A 400 8.59 -10.89 -12.27
CA THR A 400 8.22 -10.28 -10.97
C THR A 400 6.71 -10.46 -10.76
N ILE A 401 6.29 -10.52 -9.50
CA ILE A 401 4.87 -10.45 -9.08
C ILE A 401 4.65 -9.09 -8.41
N MET A 402 3.56 -8.41 -8.81
CA MET A 402 3.01 -7.22 -8.11
C MET A 402 1.67 -7.64 -7.50
N TYR A 403 1.58 -7.72 -6.16
CA TYR A 403 0.34 -8.11 -5.42
C TYR A 403 0.13 -7.16 -4.24
N ALA A 404 -1.12 -7.03 -3.80
CA ALA A 404 -1.47 -6.36 -2.53
C ALA A 404 -2.73 -7.02 -1.95
N MET A 405 -3.81 -6.27 -1.76
CA MET A 405 -4.94 -6.68 -0.88
C MET A 405 -5.73 -7.84 -1.52
N GLY A 406 -5.65 -7.99 -2.84
CA GLY A 406 -6.26 -9.13 -3.56
C GLY A 406 -5.80 -10.47 -3.01
N TRP A 407 -4.57 -10.56 -2.50
CA TRP A 407 -3.99 -11.80 -1.90
C TRP A 407 -4.02 -11.77 -0.37
N THR A 408 -3.80 -10.63 0.28
CA THR A 408 -3.62 -10.53 1.75
C THR A 408 -4.96 -10.72 2.47
N GLN A 409 -6.02 -10.08 1.98
CA GLN A 409 -7.32 -9.95 2.71
C GLN A 409 -8.14 -11.24 2.53
N HIS A 410 -7.58 -12.37 2.97
CA HIS A 410 -8.15 -13.74 2.87
C HIS A 410 -7.81 -14.55 4.13
N SER A 411 -8.59 -15.59 4.40
CA SER A 411 -8.36 -16.57 5.49
C SER A 411 -7.13 -17.44 5.16
N VAL A 412 -6.69 -17.40 3.89
CA VAL A 412 -5.45 -18.08 3.38
C VAL A 412 -4.48 -17.02 2.84
N GLY A 413 -4.46 -15.82 3.46
CA GLY A 413 -3.64 -14.68 3.01
C GLY A 413 -2.16 -15.04 2.95
N VAL A 414 -1.61 -15.53 4.06
CA VAL A 414 -0.19 -15.98 4.17
C VAL A 414 0.11 -17.06 3.13
N GLN A 415 -0.82 -18.01 2.92
CA GLN A 415 -0.59 -19.20 2.06
C GLN A 415 -0.67 -18.79 0.58
N ASN A 416 -1.55 -17.83 0.23
CA ASN A 416 -1.59 -17.17 -1.10
C ASN A 416 -0.18 -16.69 -1.47
N ILE A 417 0.44 -15.91 -0.58
CA ILE A 417 1.74 -15.23 -0.80
C ILE A 417 2.86 -16.28 -0.81
N ARG A 418 2.85 -17.20 0.15
CA ARG A 418 3.77 -18.36 0.22
C ARG A 418 3.87 -19.04 -1.15
N ALA A 419 2.72 -19.32 -1.77
CA ALA A 419 2.63 -20.01 -3.09
C ALA A 419 3.46 -19.25 -4.12
N MET A 420 3.29 -17.93 -4.22
CA MET A 420 4.00 -17.11 -5.24
C MET A 420 5.49 -17.02 -4.90
N ALA A 421 5.84 -16.85 -3.62
CA ALA A 421 7.25 -16.86 -3.14
C ALA A 421 7.92 -18.17 -3.56
N MET A 422 7.20 -19.30 -3.43
CA MET A 422 7.70 -20.64 -3.80
C MET A 422 7.92 -20.71 -5.32
N ILE A 423 7.01 -20.11 -6.09
CA ILE A 423 7.10 -20.06 -7.59
C ILE A 423 8.34 -19.23 -7.97
N GLN A 424 8.58 -18.11 -7.28
CA GLN A 424 9.71 -17.20 -7.56
C GLN A 424 11.03 -17.92 -7.25
N LEU A 425 11.06 -18.73 -6.18
CA LEU A 425 12.24 -19.54 -5.81
C LEU A 425 12.49 -20.60 -6.88
N LEU A 426 11.44 -21.26 -7.40
CA LEU A 426 11.56 -22.32 -8.45
C LEU A 426 12.15 -21.72 -9.72
N LEU A 427 11.73 -20.50 -10.09
CA LEU A 427 12.15 -19.81 -11.34
C LEU A 427 13.42 -18.99 -11.10
N GLY A 428 13.95 -18.96 -9.88
CA GLY A 428 15.17 -18.22 -9.50
C GLY A 428 15.01 -16.72 -9.68
N ASN A 429 13.83 -16.19 -9.34
CA ASN A 429 13.47 -14.77 -9.60
C ASN A 429 13.73 -13.92 -8.35
N ILE A 430 14.18 -14.51 -7.24
CA ILE A 430 14.45 -13.78 -5.97
C ILE A 430 15.91 -13.34 -5.96
N GLY A 431 16.15 -12.05 -5.69
CA GLY A 431 17.49 -11.44 -5.61
C GLY A 431 17.90 -10.75 -6.90
N VAL A 432 17.14 -10.91 -7.98
CA VAL A 432 17.52 -10.45 -9.35
C VAL A 432 16.77 -9.16 -9.70
N ALA A 433 17.37 -8.35 -10.57
CA ALA A 433 16.77 -7.12 -11.16
C ALA A 433 15.60 -7.53 -12.06
N GLY A 434 14.44 -6.89 -11.88
CA GLY A 434 13.20 -7.18 -12.63
C GLY A 434 12.51 -8.43 -12.12
N GLY A 435 12.93 -8.94 -10.95
CA GLY A 435 12.37 -10.16 -10.33
C GLY A 435 11.74 -9.83 -8.99
N GLY A 436 11.87 -10.76 -8.03
CA GLY A 436 11.50 -10.55 -6.62
C GLY A 436 10.01 -10.69 -6.39
N VAL A 437 9.57 -10.49 -5.15
CA VAL A 437 8.14 -10.42 -4.76
C VAL A 437 7.83 -8.97 -4.38
N ASN A 438 7.16 -8.24 -5.27
CA ASN A 438 6.83 -6.80 -5.06
C ASN A 438 5.44 -6.73 -4.40
N ALA A 439 5.42 -7.02 -3.09
CA ALA A 439 4.29 -6.75 -2.18
C ALA A 439 4.12 -5.23 -2.10
N LEU A 440 3.09 -4.69 -2.75
CA LEU A 440 2.90 -3.22 -2.89
C LEU A 440 2.29 -2.68 -1.60
N ARG A 441 3.11 -2.07 -0.73
CA ARG A 441 2.65 -1.47 0.55
CA ARG A 441 2.64 -1.49 0.55
C ARG A 441 1.62 -0.38 0.24
N GLY A 442 0.72 -0.12 1.20
CA GLY A 442 -0.44 0.78 1.01
C GLY A 442 -0.15 2.24 1.30
N GLU A 443 -0.14 2.63 2.58
CA GLU A 443 0.00 4.04 3.00
C GLU A 443 1.45 4.50 2.87
N SER A 444 1.64 5.81 2.76
CA SER A 444 2.94 6.52 2.60
C SER A 444 4.02 5.96 3.55
N ASN A 445 3.64 5.62 4.79
CA ASN A 445 4.61 5.17 5.82
C ASN A 445 4.09 3.94 6.55
N VAL A 446 3.33 3.06 5.89
CA VAL A 446 2.90 1.77 6.51
C VAL A 446 4.13 0.87 6.67
N GLN A 447 5.07 0.90 5.73
CA GLN A 447 6.36 0.18 5.90
C GLN A 447 7.01 0.67 7.20
N GLY A 448 7.16 1.99 7.34
CA GLY A 448 7.74 2.64 8.52
C GLY A 448 7.01 2.30 9.80
N SER A 449 5.68 2.41 9.80
CA SER A 449 4.82 2.22 10.99
C SER A 449 4.85 0.75 11.45
N THR A 450 4.96 -0.19 10.52
CA THR A 450 5.23 -1.63 10.82
C THR A 450 6.65 -1.77 11.40
N ASP A 451 7.64 -1.09 10.79
CA ASP A 451 9.05 -1.08 11.24
C ASP A 451 9.15 -0.58 12.68
N GLN A 452 8.29 0.36 13.09
CA GLN A 452 8.29 0.99 14.44
C GLN A 452 7.45 0.17 15.43
N GLY A 453 6.89 -0.97 14.98
CA GLY A 453 6.22 -1.94 15.86
C GLY A 453 4.91 -1.43 16.42
N LEU A 454 4.07 -0.81 15.57
CA LEU A 454 2.69 -0.40 15.95
C LEU A 454 1.74 -1.59 15.68
N LEU A 455 2.21 -2.79 16.00
CA LEU A 455 1.43 -4.06 16.03
C LEU A 455 1.72 -4.77 17.36
N ALA A 456 0.76 -5.56 17.84
CA ALA A 456 0.70 -6.11 19.22
C ALA A 456 1.84 -7.09 19.49
N HIS A 457 2.39 -7.72 18.43
CA HIS A 457 3.32 -8.87 18.53
C HIS A 457 4.78 -8.45 18.29
N ILE A 458 5.04 -7.20 17.89
CA ILE A 458 6.43 -6.72 17.55
C ILE A 458 6.74 -5.40 18.24
N TRP A 459 7.97 -5.29 18.76
CA TRP A 459 8.69 -4.02 19.05
C TRP A 459 9.24 -3.46 17.74
N PRO A 460 9.82 -2.24 17.74
CA PRO A 460 10.54 -1.73 16.57
C PRO A 460 11.65 -2.71 16.11
N GLY A 461 11.82 -2.85 14.79
CA GLY A 461 12.87 -3.70 14.18
C GLY A 461 12.51 -5.17 14.18
N TYR A 462 11.22 -5.50 14.34
CA TYR A 462 10.68 -6.89 14.27
C TYR A 462 11.34 -7.77 15.35
N ASN A 463 11.72 -7.14 16.46
CA ASN A 463 12.02 -7.84 17.74
C ASN A 463 10.68 -8.11 18.41
N PRO A 464 10.29 -9.38 18.68
CA PRO A 464 8.95 -9.66 19.19
C PRO A 464 8.71 -9.02 20.56
N VAL A 465 7.46 -8.62 20.81
CA VAL A 465 6.97 -8.22 22.16
C VAL A 465 7.12 -9.44 23.08
N PRO A 466 7.78 -9.33 24.25
CA PRO A 466 7.96 -10.46 25.15
C PRO A 466 6.62 -11.09 25.53
N ASN A 467 6.59 -12.41 25.72
CA ASN A 467 5.43 -13.12 26.34
C ASN A 467 5.77 -13.32 27.83
N SER A 468 4.80 -13.84 28.59
CA SER A 468 4.86 -13.96 30.08
C SER A 468 6.00 -14.89 30.52
N LYS A 469 6.41 -15.83 29.67
CA LYS A 469 7.44 -16.87 29.99
C LYS A 469 8.86 -16.36 29.70
N ALA A 470 9.00 -15.20 29.05
CA ALA A 470 10.29 -14.49 28.83
C ALA A 470 10.58 -13.61 30.05
N ALA A 471 10.89 -14.24 31.19
CA ALA A 471 10.99 -13.62 32.53
C ALA A 471 12.19 -12.66 32.60
N THR A 472 13.24 -12.93 31.82
CA THR A 472 14.50 -12.14 31.79
C THR A 472 14.89 -11.85 30.34
N LEU A 473 15.75 -10.85 30.14
CA LEU A 473 16.27 -10.48 28.80
C LEU A 473 17.06 -11.65 28.21
N GLU A 474 17.74 -12.44 29.04
CA GLU A 474 18.52 -13.63 28.59
C GLU A 474 17.54 -14.68 28.05
N LEU A 475 16.40 -14.90 28.73
CA LEU A 475 15.36 -15.88 28.29
C LEU A 475 14.73 -15.38 26.99
N TYR A 476 14.53 -14.06 26.86
CA TYR A 476 14.04 -13.39 25.64
C TYR A 476 14.96 -13.74 24.46
N ASN A 477 16.27 -13.51 24.63
CA ASN A 477 17.30 -13.73 23.58
C ASN A 477 17.45 -15.22 23.27
N ALA A 478 17.17 -16.10 24.25
CA ALA A 478 17.32 -17.57 24.13
C ALA A 478 16.38 -18.16 23.07
N ALA A 479 15.26 -17.49 22.77
CA ALA A 479 14.25 -17.94 21.78
C ALA A 479 14.83 -17.91 20.35
N THR A 480 15.83 -17.06 20.08
CA THR A 480 16.44 -16.86 18.73
C THR A 480 17.14 -18.15 18.30
N PRO A 481 16.65 -18.84 17.24
CA PRO A 481 17.28 -20.08 16.77
C PRO A 481 18.73 -19.86 16.34
N GLN A 482 19.63 -20.77 16.73
CA GLN A 482 21.07 -20.76 16.32
C GLN A 482 21.26 -21.76 15.17
N SER A 483 22.32 -21.58 14.39
CA SER A 483 22.72 -22.46 13.27
C SER A 483 24.17 -22.91 13.44
N LYS A 484 24.46 -24.18 13.19
CA LYS A 484 25.82 -24.78 13.25
C LYS A 484 26.31 -25.08 11.83
N ASP A 485 25.61 -24.55 10.82
CA ASP A 485 26.06 -24.53 9.39
C ASP A 485 27.03 -23.37 9.22
N PRO A 486 28.30 -23.64 8.83
CA PRO A 486 29.31 -22.58 8.69
C PRO A 486 29.06 -21.60 7.53
N MET A 487 28.14 -21.94 6.62
CA MET A 487 27.74 -21.08 5.47
C MET A 487 26.49 -20.26 5.81
N SER A 488 25.77 -20.60 6.89
CA SER A 488 24.57 -19.85 7.34
C SER A 488 24.99 -18.66 8.20
N VAL A 489 24.81 -17.43 7.68
CA VAL A 489 25.11 -16.15 8.38
C VAL A 489 24.21 -16.05 9.63
N ASN A 490 22.93 -16.43 9.48
CA ASN A 490 21.90 -16.41 10.55
C ASN A 490 22.00 -15.10 11.33
N TRP A 491 21.73 -13.97 10.66
CA TRP A 491 22.02 -12.61 11.14
C TRP A 491 21.21 -12.27 12.40
N TRP A 492 20.05 -12.92 12.61
CA TRP A 492 19.18 -12.68 13.80
C TRP A 492 19.92 -13.06 15.09
N GLN A 493 21.03 -13.79 15.02
CA GLN A 493 21.88 -14.10 16.21
C GLN A 493 22.38 -12.79 16.83
N ASN A 494 22.35 -11.69 16.07
CA ASN A 494 22.78 -10.33 16.52
C ASN A 494 21.67 -9.61 17.30
N ARG A 495 20.49 -10.23 17.47
CA ARG A 495 19.28 -9.63 18.09
C ARG A 495 19.60 -9.06 19.48
N PRO A 496 20.37 -9.76 20.35
CA PRO A 496 20.70 -9.21 21.68
C PRO A 496 21.27 -7.78 21.63
N LYS A 497 22.04 -7.44 20.59
CA LYS A 497 22.66 -6.10 20.41
C LYS A 497 21.56 -5.07 20.09
N TYR A 498 20.54 -5.48 19.34
CA TYR A 498 19.44 -4.59 18.87
C TYR A 498 18.45 -4.35 20.02
N VAL A 499 18.08 -5.39 20.76
CA VAL A 499 17.13 -5.29 21.91
C VAL A 499 17.78 -4.48 23.03
N ALA A 500 19.08 -4.69 23.30
CA ALA A 500 19.86 -3.96 24.33
C ALA A 500 20.00 -2.49 23.93
N SER A 501 20.29 -2.21 22.66
CA SER A 501 20.47 -0.84 22.11
C SER A 501 19.13 -0.11 22.07
N TYR A 502 18.02 -0.84 21.87
CA TYR A 502 16.63 -0.31 21.91
C TYR A 502 16.26 0.11 23.34
N LEU A 503 16.52 -0.76 24.31
CA LEU A 503 16.23 -0.51 25.76
C LEU A 503 17.11 0.63 26.26
N LYS A 504 18.31 0.79 25.70
CA LYS A 504 19.23 1.93 26.01
C LYS A 504 18.63 3.23 25.46
N ALA A 505 18.07 3.20 24.24
CA ALA A 505 17.42 4.37 23.60
C ALA A 505 16.28 4.89 24.48
N LEU A 506 15.48 3.99 25.06
CA LEU A 506 14.30 4.33 25.91
C LEU A 506 14.76 4.66 27.34
N TYR A 507 15.66 3.87 27.90
CA TYR A 507 16.09 3.93 29.33
C TYR A 507 17.62 3.92 29.41
N PRO A 508 18.28 5.05 29.05
CA PRO A 508 19.73 5.09 28.91
C PRO A 508 20.54 5.09 30.21
N ASP A 509 19.88 5.27 31.37
CA ASP A 509 20.52 5.28 32.72
C ASP A 509 20.31 3.93 33.41
N GLU A 510 19.50 3.04 32.81
CA GLU A 510 19.25 1.67 33.31
C GLU A 510 20.04 0.67 32.46
N GLU A 511 20.48 -0.44 33.07
CA GLU A 511 21.05 -1.60 32.34
C GLU A 511 19.90 -2.28 31.60
N PRO A 512 20.10 -2.71 30.33
CA PRO A 512 19.04 -3.33 29.55
C PRO A 512 18.25 -4.39 30.33
N ALA A 513 18.94 -5.29 31.02
CA ALA A 513 18.37 -6.38 31.85
C ALA A 513 17.40 -5.80 32.88
N ALA A 514 17.68 -4.60 33.41
CA ALA A 514 16.82 -3.87 34.36
C ALA A 514 15.63 -3.23 33.63
N ALA A 515 15.92 -2.45 32.58
CA ALA A 515 14.92 -1.70 31.78
C ALA A 515 13.93 -2.67 31.12
N TYR A 516 14.38 -3.89 30.81
CA TYR A 516 13.56 -4.99 30.22
C TYR A 516 12.25 -5.16 31.00
N ASP A 517 12.29 -4.96 32.32
CA ASP A 517 11.14 -5.20 33.23
C ASP A 517 10.08 -4.09 33.10
N TYR A 518 10.41 -2.95 32.49
CA TYR A 518 9.49 -1.78 32.36
C TYR A 518 8.43 -2.05 31.30
N LEU A 519 8.79 -2.66 30.17
CA LEU A 519 7.89 -2.84 29.00
C LEU A 519 6.92 -3.99 29.26
N PRO A 520 5.64 -3.85 28.86
CA PRO A 520 4.63 -4.89 29.13
C PRO A 520 4.86 -6.18 28.34
N ARG A 521 4.19 -7.26 28.74
CA ARG A 521 4.32 -8.60 28.12
C ARG A 521 2.94 -9.22 27.93
N ILE A 522 2.75 -9.89 26.79
CA ILE A 522 1.52 -10.66 26.44
C ILE A 522 1.61 -12.04 27.12
N ASP A 523 0.47 -12.74 27.24
CA ASP A 523 0.39 -14.09 27.86
C ASP A 523 0.86 -15.14 26.85
N ALA A 524 1.79 -16.00 27.26
CA ALA A 524 2.34 -17.12 26.44
C ALA A 524 1.24 -18.15 26.14
N GLY A 525 0.24 -18.27 27.01
CA GLY A 525 -0.83 -19.27 26.92
C GLY A 525 -1.76 -19.07 25.73
N ARG A 526 -1.85 -17.84 25.20
CA ARG A 526 -2.87 -17.44 24.19
C ARG A 526 -2.32 -17.50 22.76
N LYS A 527 -3.22 -17.66 21.78
CA LYS A 527 -2.96 -17.37 20.35
C LYS A 527 -2.64 -15.87 20.23
N LEU A 528 -1.69 -15.50 19.36
CA LEU A 528 -1.32 -14.08 19.11
C LEU A 528 -2.57 -13.27 18.73
N THR A 529 -3.49 -13.89 17.98
CA THR A 529 -4.69 -13.24 17.36
C THR A 529 -5.68 -12.71 18.42
N ASP A 530 -5.50 -13.09 19.69
CA ASP A 530 -6.31 -12.54 20.82
C ASP A 530 -5.97 -11.05 21.02
N TYR A 531 -4.76 -10.63 20.63
CA TYR A 531 -4.23 -9.26 20.85
C TYR A 531 -4.35 -8.41 19.57
N PHE A 532 -5.02 -8.91 18.54
CA PHE A 532 -5.10 -8.24 17.21
C PHE A 532 -6.49 -7.65 16.97
N TRP A 533 -6.55 -6.71 16.02
CA TRP A 533 -7.71 -5.88 15.58
C TRP A 533 -9.07 -6.52 15.87
N LEU A 534 -9.40 -7.64 15.21
CA LEU A 534 -10.78 -8.22 15.23
C LEU A 534 -11.18 -8.60 16.66
N ASN A 535 -10.25 -9.16 17.45
CA ASN A 535 -10.53 -9.60 18.85
C ASN A 535 -10.58 -8.38 19.78
N ILE A 536 -9.84 -7.31 19.45
CA ILE A 536 -9.86 -6.01 20.20
C ILE A 536 -11.26 -5.40 20.09
N PHE A 537 -11.95 -5.60 18.96
CA PHE A 537 -13.30 -5.02 18.70
C PHE A 537 -14.37 -5.92 19.30
N GLU A 538 -14.15 -7.24 19.33
CA GLU A 538 -15.06 -8.21 20.00
C GLU A 538 -15.05 -7.95 21.51
N LYS A 539 -13.85 -7.74 22.08
CA LYS A 539 -13.64 -7.42 23.52
C LYS A 539 -14.27 -6.08 23.85
N MET A 540 -14.05 -5.07 22.99
CA MET A 540 -14.66 -3.72 23.11
C MET A 540 -16.19 -3.86 23.12
N ASP A 541 -16.71 -4.85 22.38
CA ASP A 541 -18.16 -5.17 22.25
C ASP A 541 -18.62 -6.04 23.43
N LYS A 542 -17.77 -6.23 24.43
CA LYS A 542 -18.10 -6.92 25.72
C LYS A 542 -17.81 -5.98 26.90
N GLY A 543 -17.39 -4.74 26.62
CA GLY A 543 -17.13 -3.70 27.63
C GLY A 543 -15.78 -3.88 28.31
N GLU A 544 -14.86 -4.64 27.69
CA GLU A 544 -13.56 -5.03 28.29
C GLU A 544 -12.53 -3.91 28.10
N PHE A 545 -12.83 -2.89 27.29
CA PHE A 545 -11.97 -1.70 27.08
C PHE A 545 -12.65 -0.47 27.68
N LYS A 546 -11.83 0.43 28.24
CA LYS A 546 -12.26 1.74 28.81
C LYS A 546 -11.97 2.85 27.79
N GLY A 547 -10.76 2.90 27.24
CA GLY A 547 -10.27 4.02 26.41
C GLY A 547 -9.60 3.56 25.13
N LEU A 548 -10.11 4.02 23.98
CA LEU A 548 -9.55 3.76 22.62
C LEU A 548 -8.88 5.04 22.11
N PHE A 549 -7.70 4.90 21.49
CA PHE A 549 -7.03 5.93 20.66
C PHE A 549 -7.25 5.58 19.18
N ALA A 550 -8.22 6.25 18.53
CA ALA A 550 -8.43 6.20 17.06
C ALA A 550 -7.54 7.26 16.42
N TRP A 551 -6.22 7.04 16.47
CA TRP A 551 -5.16 8.04 16.16
C TRP A 551 -4.73 7.92 14.70
N GLY A 552 -5.34 8.68 13.80
CA GLY A 552 -5.02 8.68 12.36
C GLY A 552 -5.56 7.44 11.66
N MET A 553 -6.70 6.94 12.13
CA MET A 553 -7.49 5.84 11.51
C MET A 553 -8.98 6.14 11.67
N ASN A 554 -9.80 5.54 10.81
CA ASN A 554 -11.28 5.67 10.78
C ASN A 554 -11.88 4.26 10.87
N PRO A 555 -11.74 3.56 12.02
CA PRO A 555 -12.25 2.20 12.18
C PRO A 555 -13.77 2.00 11.98
N ALA A 556 -14.56 3.05 12.17
CA ALA A 556 -16.02 3.07 11.90
C ALA A 556 -16.30 2.68 10.45
N CYS A 557 -15.36 2.99 9.53
CA CYS A 557 -15.45 2.70 8.07
C CYS A 557 -14.34 1.75 7.61
N GLY A 558 -13.17 1.76 8.25
CA GLY A 558 -11.98 0.99 7.83
C GLY A 558 -11.95 -0.41 8.41
N GLY A 559 -12.60 -0.63 9.57
CA GLY A 559 -12.67 -1.95 10.23
C GLY A 559 -13.74 -2.83 9.59
N ALA A 560 -13.41 -4.10 9.31
CA ALA A 560 -14.34 -5.12 8.77
C ALA A 560 -15.46 -5.36 9.78
N ASN A 561 -16.68 -5.63 9.29
CA ASN A 561 -17.92 -5.71 10.11
C ASN A 561 -18.08 -4.40 10.89
N ALA A 562 -18.44 -3.33 10.18
CA ALA A 562 -18.40 -1.92 10.67
C ALA A 562 -19.52 -1.65 11.68
N ASN A 563 -20.69 -2.28 11.51
CA ASN A 563 -21.86 -2.15 12.43
C ASN A 563 -21.42 -2.53 13.85
N LYS A 564 -20.83 -3.72 13.99
CA LYS A 564 -20.27 -4.24 15.27
C LYS A 564 -19.37 -3.18 15.89
N ASN A 565 -18.41 -2.66 15.12
CA ASN A 565 -17.38 -1.67 15.58
C ASN A 565 -18.07 -0.39 16.07
N ARG A 566 -19.04 0.12 15.31
CA ARG A 566 -19.77 1.39 15.58
C ARG A 566 -20.52 1.27 16.93
N LYS A 567 -21.19 0.15 17.16
CA LYS A 567 -21.90 -0.18 18.42
C LYS A 567 -20.87 -0.32 19.55
N ALA A 568 -19.93 -1.26 19.40
CA ALA A 568 -18.88 -1.59 20.39
C ALA A 568 -18.21 -0.32 20.94
N MET A 569 -18.00 0.69 20.08
CA MET A 569 -17.31 1.97 20.43
C MET A 569 -18.13 2.79 21.43
N GLY A 570 -19.44 2.52 21.50
CA GLY A 570 -20.36 3.13 22.49
C GLY A 570 -19.94 2.82 23.91
N LYS A 571 -19.22 1.71 24.12
CA LYS A 571 -18.90 1.12 25.44
C LYS A 571 -17.50 1.56 25.91
N LEU A 572 -16.87 2.49 25.19
CA LEU A 572 -15.67 3.24 25.67
C LEU A 572 -16.14 4.30 26.68
N GLU A 573 -15.35 4.56 27.70
CA GLU A 573 -15.55 5.68 28.66
C GLU A 573 -14.86 6.93 28.11
N TRP A 574 -13.85 6.77 27.25
CA TRP A 574 -13.16 7.89 26.55
C TRP A 574 -12.51 7.41 25.25
N LEU A 575 -12.97 7.95 24.11
CA LEU A 575 -12.35 7.79 22.78
C LEU A 575 -11.54 9.05 22.47
N VAL A 576 -10.25 8.91 22.17
CA VAL A 576 -9.40 9.99 21.59
C VAL A 576 -9.28 9.74 20.08
N ASN A 577 -9.36 10.80 19.28
CA ASN A 577 -9.28 10.77 17.79
C ASN A 577 -8.36 11.91 17.33
N VAL A 578 -7.23 11.57 16.73
CA VAL A 578 -6.27 12.55 16.12
C VAL A 578 -6.37 12.40 14.59
N ASN A 579 -7.00 13.37 13.93
CA ASN A 579 -7.29 13.32 12.48
C ASN A 579 -7.37 14.75 11.91
N LEU A 580 -7.48 14.87 10.58
CA LEU A 580 -7.46 16.16 9.83
C LEU A 580 -8.85 16.80 9.87
N PHE A 581 -9.89 15.98 9.71
CA PHE A 581 -11.32 16.39 9.64
C PHE A 581 -12.13 15.64 10.69
N GLU A 582 -13.25 16.22 11.11
CA GLU A 582 -14.36 15.49 11.76
C GLU A 582 -14.73 14.33 10.83
N ASN A 583 -15.09 13.17 11.38
CA ASN A 583 -15.23 11.92 10.59
C ASN A 583 -16.22 10.96 11.27
N GLU A 584 -16.51 9.84 10.60
CA GLU A 584 -17.49 8.80 11.04
C GLU A 584 -17.06 8.21 12.38
N THR A 585 -15.76 8.09 12.64
CA THR A 585 -15.20 7.52 13.90
C THR A 585 -15.44 8.50 15.04
N SER A 586 -14.97 9.75 14.89
CA SER A 586 -15.05 10.83 15.91
C SER A 586 -16.50 11.22 16.19
N SER A 587 -17.46 10.75 15.39
CA SER A 587 -18.90 11.11 15.47
C SER A 587 -19.78 9.88 15.28
N PHE A 588 -19.29 8.70 15.70
CA PHE A 588 -20.01 7.40 15.67
C PHE A 588 -21.32 7.48 16.44
N TRP A 589 -21.40 8.37 17.45
CA TRP A 589 -22.52 8.47 18.42
C TRP A 589 -23.81 9.03 17.79
N LYS A 590 -23.87 9.25 16.46
CA LYS A 590 -25.08 9.78 15.79
C LYS A 590 -25.27 9.19 14.38
N GLY A 591 -24.51 8.15 14.01
CA GLY A 591 -24.59 7.49 12.70
C GLY A 591 -25.89 6.69 12.55
N PRO A 592 -26.13 6.09 11.36
CA PRO A 592 -27.39 5.39 11.08
C PRO A 592 -27.97 4.64 12.29
N GLY A 593 -28.67 5.38 13.17
CA GLY A 593 -29.43 4.84 14.32
C GLY A 593 -28.72 5.01 15.65
N MET A 594 -27.76 5.94 15.75
CA MET A 594 -26.99 6.19 17.01
C MET A 594 -27.60 7.41 17.73
N ASN A 595 -27.82 7.29 19.03
CA ASN A 595 -28.57 8.26 19.88
C ASN A 595 -27.72 8.62 21.10
N PRO A 596 -27.29 9.89 21.27
CA PRO A 596 -26.73 10.34 22.55
C PRO A 596 -27.67 10.13 23.74
N ALA A 597 -28.90 9.63 23.49
CA ALA A 597 -29.86 9.12 24.50
C ALA A 597 -29.24 7.93 25.25
N GLU A 598 -28.45 7.08 24.57
CA GLU A 598 -27.77 5.89 25.16
C GLU A 598 -26.33 5.79 24.64
N ILE A 599 -25.52 6.82 24.88
CA ILE A 599 -24.04 6.83 24.63
C ILE A 599 -23.39 7.77 25.65
N GLY A 600 -22.28 7.34 26.27
CA GLY A 600 -21.61 8.07 27.37
C GLY A 600 -20.12 8.26 27.15
N THR A 601 -19.65 8.27 25.89
CA THR A 601 -18.20 8.36 25.57
C THR A 601 -17.75 9.83 25.58
N GLU A 602 -16.80 10.16 26.46
CA GLU A 602 -16.07 11.45 26.42
C GLU A 602 -15.15 11.44 25.18
N VAL A 603 -15.68 11.79 24.01
CA VAL A 603 -14.89 11.80 22.76
C VAL A 603 -14.10 13.11 22.71
N PHE A 604 -12.77 13.00 22.65
CA PHE A 604 -11.80 14.11 22.44
C PHE A 604 -11.36 14.04 20.98
N PHE A 605 -11.26 15.20 20.31
CA PHE A 605 -10.84 15.32 18.88
C PHE A 605 -9.67 16.31 18.81
N LEU A 606 -8.49 15.82 18.44
CA LEU A 606 -7.22 16.61 18.35
C LEU A 606 -6.85 16.79 16.88
N PRO A 607 -7.06 18.00 16.30
CA PRO A 607 -6.88 18.18 14.86
C PRO A 607 -5.38 18.30 14.60
N CYS A 608 -4.87 17.47 13.68
CA CYS A 608 -3.42 17.36 13.38
C CYS A 608 -3.10 18.12 12.09
N CYS A 609 -1.83 18.44 11.89
CA CYS A 609 -1.24 18.98 10.64
C CYS A 609 -1.42 17.98 9.49
N VAL A 610 -1.28 18.46 8.26
CA VAL A 610 -1.15 17.63 7.02
C VAL A 610 0.34 17.53 6.68
N SER A 611 0.71 16.50 5.91
CA SER A 611 2.11 16.13 5.56
C SER A 611 2.95 17.34 5.15
N ILE A 612 2.36 18.32 4.46
CA ILE A 612 3.09 19.47 3.84
C ILE A 612 3.40 20.53 4.92
N GLU A 613 2.72 20.46 6.07
CA GLU A 613 2.90 21.38 7.22
C GLU A 613 3.84 20.76 8.27
N LYS A 614 4.51 19.65 7.93
CA LYS A 614 5.30 18.82 8.89
C LYS A 614 6.69 18.49 8.29
N GLU A 615 7.70 18.40 9.17
CA GLU A 615 9.04 17.85 8.86
C GLU A 615 9.09 16.40 9.34
N GLY A 616 9.95 15.57 8.75
CA GLY A 616 10.12 14.16 9.12
C GLY A 616 10.38 13.26 7.92
N SER A 617 10.33 11.94 8.12
CA SER A 617 10.62 10.90 7.10
C SER A 617 9.39 9.98 6.92
N VAL A 618 9.28 9.34 5.75
CA VAL A 618 8.28 8.27 5.47
C VAL A 618 8.97 7.18 4.64
N ALA A 619 8.82 5.92 5.05
CA ALA A 619 9.39 4.74 4.38
C ALA A 619 8.41 4.22 3.33
N ASN A 620 8.80 4.27 2.05
CA ASN A 620 7.97 3.82 0.90
C ASN A 620 8.06 2.30 0.80
N SER A 621 7.34 1.70 -0.17
CA SER A 621 7.18 0.23 -0.34
C SER A 621 8.55 -0.43 -0.54
N GLY A 622 9.48 0.23 -1.22
CA GLY A 622 10.84 -0.27 -1.48
C GLY A 622 11.79 -0.02 -0.32
N ARG A 623 11.28 0.45 0.82
CA ARG A 623 12.02 0.69 2.09
C ARG A 623 12.84 2.00 1.98
N TRP A 624 12.58 2.82 0.96
CA TRP A 624 13.25 4.14 0.77
C TRP A 624 12.72 5.10 1.85
N MET A 625 13.61 5.50 2.76
CA MET A 625 13.27 6.41 3.88
C MET A 625 13.58 7.84 3.42
N GLN A 626 12.52 8.60 3.11
CA GLN A 626 12.60 9.90 2.40
C GLN A 626 12.25 11.04 3.35
N TRP A 627 13.16 12.00 3.51
CA TRP A 627 12.97 13.22 4.34
C TRP A 627 12.16 14.24 3.55
N ARG A 628 11.17 14.86 4.21
CA ARG A 628 10.32 15.96 3.66
C ARG A 628 10.32 17.13 4.66
N TYR A 629 10.08 18.34 4.17
CA TYR A 629 10.23 19.60 4.94
C TYR A 629 8.87 20.30 5.06
N ARG A 630 8.79 21.23 6.01
CA ARG A 630 7.65 22.17 6.19
C ARG A 630 7.64 23.14 5.00
N GLY A 631 6.59 23.10 4.18
CA GLY A 631 6.26 24.19 3.24
C GLY A 631 5.53 25.30 3.97
N PRO A 632 4.18 25.20 4.11
CA PRO A 632 3.43 26.11 4.97
C PRO A 632 3.64 25.86 6.46
N LYS A 633 3.38 26.88 7.28
CA LYS A 633 3.17 26.73 8.76
C LYS A 633 1.88 25.96 8.96
N PRO A 634 1.64 25.37 10.16
CA PRO A 634 0.37 24.69 10.45
C PRO A 634 -0.87 25.58 10.25
N TYR A 635 -1.98 24.97 9.82
CA TYR A 635 -3.31 25.61 9.66
C TYR A 635 -3.92 25.82 11.05
N ALA A 636 -4.90 26.73 11.14
CA ALA A 636 -5.74 27.10 12.30
C ALA A 636 -5.22 26.52 13.64
N GLU A 637 -4.01 26.91 14.05
CA GLU A 637 -3.43 26.68 15.39
C GLU A 637 -3.44 25.17 15.72
N THR A 638 -3.31 24.32 14.69
CA THR A 638 -3.25 22.84 14.78
C THR A 638 -1.77 22.44 14.67
N LYS A 639 -1.39 21.22 15.05
CA LYS A 639 0.05 20.85 15.14
C LYS A 639 0.31 19.38 14.84
N PRO A 640 1.60 19.01 14.59
CA PRO A 640 1.98 17.64 14.27
C PRO A 640 1.72 16.66 15.43
N ASP A 641 1.54 15.38 15.09
CA ASP A 641 1.25 14.29 16.05
C ASP A 641 2.39 14.20 17.08
N GLY A 642 3.64 14.37 16.62
CA GLY A 642 4.85 14.35 17.46
C GLY A 642 4.77 15.38 18.58
N ASP A 643 4.35 16.61 18.24
CA ASP A 643 4.16 17.73 19.20
C ASP A 643 2.93 17.43 20.08
N ILE A 644 1.86 16.89 19.50
CA ILE A 644 0.64 16.48 20.26
C ILE A 644 1.07 15.47 21.34
N MET A 645 1.54 14.28 20.91
CA MET A 645 1.81 13.11 21.78
C MET A 645 2.89 13.45 22.83
N LEU A 646 3.88 14.28 22.48
CA LEU A 646 5.00 14.65 23.39
C LEU A 646 4.48 15.58 24.49
N ASP A 647 3.68 16.60 24.15
CA ASP A 647 3.02 17.50 25.12
C ASP A 647 2.06 16.70 26.00
N MET A 648 1.29 15.80 25.38
CA MET A 648 0.27 14.93 26.05
C MET A 648 0.95 14.06 27.11
N PHE A 649 2.00 13.32 26.73
CA PHE A 649 2.74 12.37 27.60
C PHE A 649 3.51 13.15 28.68
N LYS A 650 4.13 14.27 28.31
CA LYS A 650 4.85 15.19 29.25
C LYS A 650 3.96 15.51 30.45
N LYS A 651 2.67 15.74 30.21
CA LYS A 651 1.67 16.07 31.26
C LYS A 651 1.39 14.85 32.14
N VAL A 652 1.54 13.63 31.59
CA VAL A 652 1.44 12.35 32.36
C VAL A 652 2.69 12.26 33.26
N ARG A 653 3.88 12.39 32.65
CA ARG A 653 5.21 12.42 33.32
C ARG A 653 5.17 13.41 34.51
N GLU A 654 4.55 14.58 34.30
CA GLU A 654 4.36 15.65 35.34
C GLU A 654 3.36 15.18 36.41
N LEU A 655 2.24 14.58 36.00
CA LEU A 655 1.15 14.13 36.91
C LEU A 655 1.69 13.05 37.86
N TYR A 656 2.47 12.09 37.34
CA TYR A 656 3.05 10.96 38.14
C TYR A 656 4.17 11.47 39.05
N ALA A 657 4.80 12.60 38.69
CA ALA A 657 5.85 13.26 39.51
C ALA A 657 5.21 13.94 40.73
N LYS A 658 3.96 14.40 40.60
CA LYS A 658 3.18 15.06 41.69
C LYS A 658 2.39 13.99 42.47
N GLU A 659 1.42 13.35 41.82
CA GLU A 659 0.49 12.37 42.45
C GLU A 659 1.21 11.02 42.59
N GLY A 660 0.54 10.02 43.17
CA GLY A 660 0.97 8.61 43.16
C GLY A 660 0.59 7.92 41.86
N GLY A 661 0.30 6.62 41.92
CA GLY A 661 -0.20 5.82 40.78
C GLY A 661 0.60 4.55 40.57
N ALA A 662 -0.02 3.54 39.95
CA ALA A 662 0.54 2.19 39.70
C ALA A 662 1.84 2.28 38.89
N TYR A 663 2.76 1.34 39.15
CA TYR A 663 4.12 1.21 38.54
C TYR A 663 4.48 2.42 37.69
N PRO A 664 4.94 3.54 38.31
CA PRO A 664 5.29 4.75 37.56
C PRO A 664 6.70 4.77 36.93
N ALA A 665 7.52 3.73 37.13
CA ALA A 665 8.93 3.68 36.69
C ALA A 665 9.05 3.76 35.16
N PRO A 666 8.24 3.00 34.38
CA PRO A 666 8.32 3.06 32.91
C PRO A 666 8.14 4.47 32.33
N ILE A 667 7.34 5.31 32.99
CA ILE A 667 6.90 6.66 32.51
C ILE A 667 7.99 7.69 32.83
N ALA A 668 8.45 7.74 34.09
CA ALA A 668 9.39 8.75 34.61
C ALA A 668 10.74 8.68 33.88
N LYS A 669 11.18 7.47 33.52
CA LYS A 669 12.59 7.17 33.13
C LYS A 669 12.80 7.28 31.61
N LEU A 670 11.74 7.49 30.82
CA LEU A 670 11.77 7.49 29.35
C LEU A 670 12.68 8.63 28.84
N ASN A 671 13.71 8.28 28.05
CA ASN A 671 14.63 9.23 27.38
C ASN A 671 13.81 10.06 26.36
N ILE A 672 13.38 11.25 26.78
CA ILE A 672 12.40 12.10 26.05
C ILE A 672 13.06 13.43 25.65
N ALA A 673 14.09 13.86 26.38
CA ALA A 673 14.87 15.09 26.13
C ALA A 673 15.67 14.96 24.83
N ASP A 674 15.90 13.73 24.39
CA ASP A 674 16.63 13.40 23.14
C ASP A 674 15.68 13.51 21.94
N TRP A 675 14.38 13.73 22.20
CA TRP A 675 13.32 13.88 21.17
C TRP A 675 13.10 15.36 20.82
N GLU A 676 13.74 16.29 21.54
CA GLU A 676 13.28 17.70 21.64
C GLU A 676 14.37 18.72 21.30
N GLU A 677 13.92 19.89 20.84
CA GLU A 677 14.71 21.09 20.51
C GLU A 677 13.74 22.28 20.38
N HIS A 678 13.56 23.05 21.47
CA HIS A 678 12.76 24.30 21.58
C HIS A 678 11.34 24.01 22.08
N ASN A 679 11.19 23.13 23.07
CA ASN A 679 9.87 22.80 23.71
C ASN A 679 8.90 22.28 22.66
N GLU A 680 9.36 21.43 21.74
CA GLU A 680 8.54 20.83 20.66
C GLU A 680 9.24 19.61 20.08
N PHE A 681 8.48 18.72 19.42
CA PHE A 681 8.98 17.50 18.74
C PHE A 681 10.08 17.90 17.75
N SER A 682 11.23 17.23 17.84
CA SER A 682 12.38 17.37 16.90
C SER A 682 12.50 16.11 16.05
N PRO A 683 11.80 16.04 14.90
CA PRO A 683 11.98 14.94 13.95
C PRO A 683 13.46 14.61 13.71
N THR A 684 14.31 15.64 13.63
CA THR A 684 15.76 15.54 13.32
C THR A 684 16.48 14.78 14.43
N LYS A 685 16.14 15.02 15.69
CA LYS A 685 16.82 14.41 16.86
C LYS A 685 16.29 12.98 17.08
N VAL A 686 14.97 12.79 16.97
CA VAL A 686 14.28 11.48 17.14
C VAL A 686 14.80 10.51 16.07
N ALA A 687 15.06 11.01 14.85
CA ALA A 687 15.65 10.24 13.72
C ALA A 687 17.09 9.81 14.05
N LYS A 688 17.84 10.66 14.75
CA LYS A 688 19.25 10.40 15.15
C LYS A 688 19.28 9.34 16.26
N LEU A 689 18.27 9.32 17.15
CA LEU A 689 18.12 8.33 18.25
C LEU A 689 17.80 6.96 17.66
N MET A 690 16.90 6.92 16.67
CA MET A 690 16.49 5.69 15.93
C MET A 690 17.71 5.05 15.28
N ASN A 691 18.49 5.84 14.54
CA ASN A 691 19.80 5.42 13.99
C ASN A 691 20.65 4.93 15.16
N GLY A 692 20.84 5.80 16.17
CA GLY A 692 21.54 5.50 17.42
C GLY A 692 22.92 6.14 17.49
N TYR A 693 23.46 6.25 18.70
CA TYR A 693 24.81 6.81 18.99
C TYR A 693 25.41 6.08 20.18
N PHE A 694 26.74 6.14 20.30
CA PHE A 694 27.53 5.52 21.39
C PHE A 694 27.30 6.31 22.69
N LEU A 695 26.75 5.65 23.72
CA LEU A 695 26.50 6.25 25.06
C LEU A 695 27.82 6.42 25.83
N LYS A 696 28.89 5.77 25.35
CA LYS A 696 30.26 5.90 25.90
C LYS A 696 31.26 5.50 24.79
N ASP A 697 32.55 5.69 25.05
CA ASP A 697 33.66 5.38 24.09
C ASP A 697 33.78 3.86 24.00
N THR A 698 33.78 3.32 22.77
CA THR A 698 33.68 1.86 22.51
C THR A 698 34.63 1.45 21.37
N GLU A 699 35.05 0.18 21.37
CA GLU A 699 35.78 -0.50 20.27
C GLU A 699 34.91 -1.65 19.76
N VAL A 700 34.51 -1.61 18.49
CA VAL A 700 33.61 -2.63 17.85
C VAL A 700 34.12 -2.91 16.43
N GLY A 701 34.10 -4.18 16.01
CA GLY A 701 34.52 -4.64 14.67
C GLY A 701 35.91 -4.14 14.32
N GLY A 702 36.85 -4.20 15.26
CA GLY A 702 38.24 -3.75 15.10
C GLY A 702 38.34 -2.29 14.68
N LYS A 703 37.46 -1.43 15.24
CA LYS A 703 37.41 0.03 14.96
C LYS A 703 37.08 0.77 16.26
N GLN A 704 37.76 1.90 16.50
CA GLN A 704 37.57 2.77 17.68
C GLN A 704 36.49 3.82 17.35
N PHE A 705 35.49 3.94 18.23
CA PHE A 705 34.42 4.98 18.18
C PHE A 705 34.50 5.83 19.45
N LYS A 706 34.23 7.13 19.32
CA LYS A 706 34.21 8.11 20.44
C LYS A 706 32.78 8.26 20.94
N LYS A 707 32.61 8.56 22.23
CA LYS A 707 31.30 8.77 22.90
C LYS A 707 30.54 9.90 22.19
N GLY A 708 29.23 9.74 22.03
CA GLY A 708 28.30 10.80 21.56
C GLY A 708 28.05 10.75 20.06
N GLN A 709 28.98 10.20 19.27
CA GLN A 709 28.91 10.20 17.78
C GLN A 709 27.95 9.09 17.32
N GLN A 710 27.42 9.22 16.10
CA GLN A 710 26.33 8.36 15.56
C GLN A 710 26.87 6.97 15.23
N VAL A 711 26.02 5.94 15.36
CA VAL A 711 26.29 4.55 14.90
C VAL A 711 26.24 4.54 13.37
N PRO A 712 27.30 4.08 12.68
CA PRO A 712 27.35 4.13 11.21
C PRO A 712 26.57 3.00 10.51
N SER A 713 26.32 1.89 11.20
CA SER A 713 25.44 0.77 10.76
C SER A 713 25.17 -0.18 11.94
N PHE A 714 24.09 -0.98 11.85
CA PHE A 714 23.68 -1.95 12.90
C PHE A 714 24.80 -2.95 13.19
N ALA A 715 25.76 -3.09 12.26
CA ALA A 715 26.97 -3.95 12.40
C ALA A 715 27.76 -3.54 13.64
N PHE A 716 27.70 -2.27 14.06
CA PHE A 716 28.55 -1.66 15.11
C PHE A 716 27.74 -1.41 16.38
N LEU A 717 26.54 -1.99 16.50
CA LEU A 717 25.73 -1.96 17.76
C LEU A 717 26.27 -3.04 18.69
N THR A 718 26.02 -2.90 20.00
CA THR A 718 26.53 -3.79 21.08
C THR A 718 25.38 -4.15 22.02
N ALA A 719 25.56 -5.21 22.82
CA ALA A 719 24.57 -5.71 23.81
C ALA A 719 24.94 -5.26 25.22
N ASP A 720 26.13 -4.68 25.42
CA ASP A 720 26.71 -4.37 26.75
C ASP A 720 26.30 -2.96 27.23
N GLY A 721 25.52 -2.22 26.43
CA GLY A 721 25.00 -0.88 26.79
C GLY A 721 25.86 0.25 26.27
N SER A 722 26.89 -0.07 25.46
CA SER A 722 27.82 0.88 24.81
C SER A 722 27.09 1.71 23.74
N THR A 723 26.04 1.15 23.14
CA THR A 723 25.26 1.76 22.03
C THR A 723 23.78 1.80 22.39
N CYS A 724 23.10 2.89 22.06
CA CYS A 724 21.62 2.98 21.94
C CYS A 724 21.27 3.02 20.43
N SER A 725 20.02 2.69 20.11
CA SER A 725 19.45 2.66 18.73
C SER A 725 17.96 2.32 18.85
N GLY A 726 17.07 3.30 18.60
CA GLY A 726 15.61 3.12 18.67
C GLY A 726 15.13 2.04 17.71
N ASN A 727 15.84 1.86 16.59
CA ASN A 727 15.48 0.86 15.55
C ASN A 727 16.76 0.50 14.78
N TRP A 728 17.26 -0.72 14.99
CA TRP A 728 18.54 -1.21 14.38
C TRP A 728 18.46 -1.14 12.85
N LEU A 729 17.26 -1.24 12.27
CA LEU A 729 17.07 -1.09 10.80
C LEU A 729 17.47 0.33 10.37
N HIS A 730 17.27 1.33 11.24
CA HIS A 730 17.59 2.77 10.98
C HIS A 730 19.07 3.06 11.20
N ALA A 731 19.84 2.10 11.75
CA ALA A 731 21.30 2.24 11.98
C ALA A 731 22.01 2.34 10.62
N GLY A 732 22.48 3.55 10.28
CA GLY A 732 23.11 3.87 8.98
C GLY A 732 22.30 4.89 8.18
N SER A 733 21.11 5.27 8.66
CA SER A 733 20.19 6.24 8.01
C SER A 733 20.62 7.68 8.32
N PHE A 734 21.06 7.93 9.55
CA PHE A 734 21.50 9.25 10.06
C PHE A 734 22.83 9.07 10.81
N THR A 735 23.95 9.17 10.10
CA THR A 735 25.33 8.92 10.61
C THR A 735 26.01 10.27 10.92
N ASP A 736 27.33 10.25 11.12
CA ASP A 736 28.18 11.46 11.31
C ASP A 736 28.22 12.26 10.00
N ALA A 737 28.19 11.56 8.86
CA ALA A 737 28.19 12.13 7.49
C ALA A 737 26.96 13.04 7.27
N GLY A 738 25.88 12.79 8.04
CA GLY A 738 24.65 13.60 8.05
C GLY A 738 23.41 12.76 7.89
N ASN A 739 22.30 13.38 7.47
CA ASN A 739 20.99 12.71 7.20
C ASN A 739 21.00 12.13 5.79
N LEU A 740 21.17 10.81 5.66
CA LEU A 740 21.23 10.10 4.35
C LEU A 740 19.82 10.01 3.75
N MET A 741 18.77 10.08 4.59
CA MET A 741 17.36 10.12 4.16
C MET A 741 17.11 11.40 3.34
N ALA A 742 17.85 12.48 3.62
CA ALA A 742 17.70 13.81 3.00
C ALA A 742 18.50 13.91 1.69
N ARG A 743 19.28 12.88 1.32
CA ARG A 743 20.07 12.87 0.07
C ARG A 743 19.13 12.94 -1.13
N ARG A 744 19.40 13.85 -2.08
CA ARG A 744 18.66 13.99 -3.35
C ARG A 744 19.67 13.87 -4.50
N ASP A 745 20.43 12.77 -4.51
CA ASP A 745 21.53 12.48 -5.47
C ASP A 745 21.13 11.32 -6.38
N LYS A 746 20.85 11.60 -7.66
CA LYS A 746 20.42 10.60 -8.67
C LYS A 746 21.64 10.06 -9.44
N THR A 747 22.86 10.45 -9.05
CA THR A 747 24.10 9.99 -9.73
C THR A 747 24.36 8.52 -9.37
N GLN A 748 24.70 7.73 -10.37
CA GLN A 748 24.90 6.26 -10.29
C GLN A 748 26.16 5.91 -11.07
N THR A 749 26.69 4.71 -10.84
CA THR A 749 27.76 4.08 -11.67
C THR A 749 27.08 3.46 -12.88
N PRO A 750 27.84 3.08 -13.94
CA PRO A 750 27.27 2.32 -15.05
C PRO A 750 26.46 1.09 -14.59
N GLU A 751 27.04 0.30 -13.68
CA GLU A 751 26.47 -0.98 -13.16
C GLU A 751 25.11 -0.70 -12.51
N GLN A 752 25.05 0.34 -11.66
CA GLN A 752 23.84 0.77 -10.91
C GLN A 752 22.81 1.36 -11.88
N ALA A 753 23.26 2.16 -12.85
CA ALA A 753 22.39 2.96 -13.76
C ALA A 753 21.55 2.05 -14.67
N ARG A 754 22.03 0.86 -15.03
CA ARG A 754 21.33 -0.02 -16.01
C ARG A 754 20.23 -0.85 -15.30
N ILE A 755 20.04 -0.69 -13.99
CA ILE A 755 18.88 -1.30 -13.26
C ILE A 755 18.17 -0.26 -12.39
N GLY A 756 18.70 0.97 -12.30
CA GLY A 756 18.03 2.10 -11.62
C GLY A 756 17.95 1.91 -10.11
N LEU A 757 19.08 1.58 -9.48
CA LEU A 757 19.19 1.41 -8.00
C LEU A 757 19.01 2.76 -7.29
N PHE A 758 19.55 3.84 -7.86
CA PHE A 758 19.55 5.20 -7.27
C PHE A 758 19.99 5.12 -5.81
N PRO A 759 21.15 4.50 -5.50
CA PRO A 759 21.55 4.25 -4.12
C PRO A 759 21.88 5.53 -3.34
N ASN A 760 22.14 6.63 -4.05
CA ASN A 760 22.48 7.95 -3.45
C ASN A 760 21.21 8.79 -3.25
N TRP A 761 20.04 8.32 -3.70
CA TRP A 761 18.74 9.00 -3.42
C TRP A 761 18.15 8.46 -2.10
N SER A 762 17.97 9.34 -1.12
CA SER A 762 17.48 9.00 0.24
C SER A 762 18.29 7.82 0.78
N PHE A 763 17.72 7.06 1.73
CA PHE A 763 18.33 5.83 2.30
C PHE A 763 17.23 4.78 2.46
N CYS A 764 17.56 3.52 2.17
CA CYS A 764 16.68 2.35 2.40
C CYS A 764 17.35 1.39 3.38
N TRP A 765 16.58 0.83 4.31
CA TRP A 765 17.02 -0.29 5.17
C TRP A 765 16.92 -1.58 4.35
N PRO A 766 17.77 -2.61 4.60
CA PRO A 766 18.88 -2.52 5.54
C PRO A 766 20.20 -2.05 4.91
N VAL A 767 20.88 -1.11 5.56
CA VAL A 767 22.19 -0.50 5.15
C VAL A 767 22.24 -0.30 3.62
N ASN A 768 21.18 0.29 3.05
CA ASN A 768 21.09 0.76 1.64
C ASN A 768 21.14 -0.42 0.66
N ARG A 769 20.70 -1.60 1.08
CA ARG A 769 20.49 -2.76 0.18
C ARG A 769 19.16 -2.55 -0.55
N ARG A 770 19.22 -2.07 -1.80
CA ARG A 770 18.04 -1.65 -2.60
C ARG A 770 17.25 -2.90 -3.04
N ILE A 771 17.94 -3.97 -3.42
CA ILE A 771 17.32 -5.29 -3.79
C ILE A 771 17.76 -6.32 -2.75
N LEU A 772 16.80 -6.81 -1.94
CA LEU A 772 17.04 -7.83 -0.89
C LEU A 772 17.49 -9.13 -1.57
N TYR A 773 18.33 -9.91 -0.89
CA TYR A 773 18.69 -11.31 -1.23
C TYR A 773 19.56 -11.33 -2.49
N ASN A 774 20.35 -10.28 -2.72
CA ASN A 774 21.06 -10.05 -4.02
C ASN A 774 22.23 -11.04 -4.18
N ARG A 775 22.66 -11.73 -3.13
CA ARG A 775 23.66 -12.83 -3.25
C ARG A 775 23.08 -13.95 -4.12
N ALA A 776 21.75 -14.06 -4.22
CA ALA A 776 21.07 -15.07 -5.06
C ALA A 776 21.09 -14.67 -6.54
N SER A 777 21.53 -13.45 -6.87
CA SER A 777 21.57 -12.91 -8.25
C SER A 777 22.85 -13.34 -8.99
N VAL A 778 23.77 -14.00 -8.29
CA VAL A 778 25.10 -14.41 -8.83
C VAL A 778 25.30 -15.90 -8.58
N ASP A 779 26.17 -16.55 -9.38
CA ASP A 779 26.61 -17.95 -9.17
C ASP A 779 27.60 -17.96 -8.00
N LYS A 780 28.10 -19.15 -7.63
CA LYS A 780 28.96 -19.36 -6.44
C LYS A 780 30.38 -18.85 -6.71
N THR A 781 30.64 -18.28 -7.90
CA THR A 781 31.92 -17.62 -8.26
C THR A 781 31.75 -16.09 -8.24
N GLY A 782 30.51 -15.60 -8.12
CA GLY A 782 30.18 -14.17 -8.02
C GLY A 782 29.81 -13.55 -9.37
N LYS A 783 29.52 -14.39 -10.36
CA LYS A 783 29.15 -13.98 -11.76
C LYS A 783 27.64 -13.85 -11.86
N PRO A 784 27.10 -12.68 -12.29
CA PRO A 784 25.66 -12.51 -12.44
C PRO A 784 25.04 -13.52 -13.40
N TRP A 785 23.86 -14.06 -13.05
CA TRP A 785 23.02 -14.90 -13.95
C TRP A 785 22.63 -14.07 -15.18
N ASN A 786 22.40 -12.77 -14.97
CA ASN A 786 21.91 -11.80 -15.99
C ASN A 786 22.90 -10.64 -16.05
N PRO A 787 24.11 -10.83 -16.66
CA PRO A 787 25.14 -9.79 -16.71
C PRO A 787 24.65 -8.43 -17.22
N ALA A 788 23.73 -8.42 -18.19
CA ALA A 788 23.06 -7.22 -18.74
C ALA A 788 22.36 -6.41 -17.64
N LYS A 789 21.82 -7.09 -16.62
CA LYS A 789 20.98 -6.47 -15.54
C LYS A 789 21.54 -6.85 -14.17
N ALA A 790 22.87 -6.90 -14.01
CA ALA A 790 23.57 -7.30 -12.78
C ALA A 790 23.16 -6.39 -11.61
N VAL A 791 22.84 -7.00 -10.45
CA VAL A 791 22.52 -6.28 -9.18
C VAL A 791 23.81 -6.06 -8.40
N ILE A 792 24.59 -7.13 -8.22
CA ILE A 792 25.95 -7.12 -7.60
C ILE A 792 26.89 -7.90 -8.53
N GLU A 793 28.19 -7.58 -8.46
CA GLU A 793 29.27 -8.30 -9.18
C GLU A 793 30.53 -8.29 -8.32
N TRP A 794 31.27 -9.41 -8.32
CA TRP A 794 32.53 -9.59 -7.55
C TRP A 794 33.71 -9.12 -8.40
N LYS A 795 34.60 -8.29 -7.84
CA LYS A 795 35.98 -8.04 -8.34
C LYS A 795 36.68 -6.96 -7.50
N ASP A 796 38.02 -6.95 -7.56
CA ASP A 796 38.95 -6.22 -6.65
C ASP A 796 38.72 -6.72 -5.21
N GLY A 797 38.32 -7.99 -5.07
CA GLY A 797 37.97 -8.61 -3.78
C GLY A 797 36.87 -7.85 -3.06
N LYS A 798 35.88 -7.33 -3.80
CA LYS A 798 34.70 -6.61 -3.24
C LYS A 798 33.51 -6.75 -4.20
N TRP A 799 32.31 -6.48 -3.68
CA TRP A 799 31.03 -6.50 -4.45
C TRP A 799 30.75 -5.11 -5.00
N VAL A 800 30.50 -4.98 -6.31
CA VAL A 800 30.20 -3.68 -7.00
C VAL A 800 28.71 -3.63 -7.36
N GLY A 801 28.11 -2.44 -7.31
CA GLY A 801 26.70 -2.18 -7.68
C GLY A 801 25.85 -1.85 -6.47
N ASP A 802 24.84 -2.69 -6.20
CA ASP A 802 24.02 -2.64 -4.96
C ASP A 802 24.92 -3.06 -3.80
N VAL A 803 24.62 -2.59 -2.58
CA VAL A 803 25.27 -3.07 -1.33
C VAL A 803 24.95 -4.56 -1.20
N VAL A 804 25.97 -5.40 -1.01
CA VAL A 804 25.82 -6.90 -0.95
C VAL A 804 24.97 -7.24 0.28
N ASP A 805 23.94 -8.09 0.10
CA ASP A 805 23.02 -8.51 1.19
C ASP A 805 23.66 -9.70 1.92
N GLY A 806 24.56 -9.40 2.85
CA GLY A 806 25.42 -10.38 3.55
C GLY A 806 26.85 -10.27 3.05
N GLY A 807 27.77 -9.88 3.93
CA GLY A 807 29.22 -9.87 3.65
C GLY A 807 29.75 -11.30 3.50
N GLY A 808 30.84 -11.46 2.73
CA GLY A 808 31.54 -12.73 2.53
C GLY A 808 31.91 -12.96 1.07
N ASP A 809 33.04 -13.63 0.83
CA ASP A 809 33.52 -13.96 -0.54
C ASP A 809 32.46 -14.82 -1.26
N PRO A 810 32.49 -14.86 -2.60
CA PRO A 810 31.54 -15.67 -3.37
C PRO A 810 31.54 -17.16 -3.00
N GLY A 811 30.36 -17.71 -2.72
CA GLY A 811 30.12 -19.16 -2.55
C GLY A 811 30.45 -19.64 -1.15
N THR A 812 30.74 -18.72 -0.23
CA THR A 812 31.15 -19.02 1.17
C THR A 812 29.95 -18.90 2.13
N LYS A 813 28.85 -18.31 1.68
CA LYS A 813 27.62 -18.08 2.49
C LYS A 813 26.37 -18.48 1.70
N HIS A 814 25.34 -19.00 2.38
CA HIS A 814 23.97 -19.18 1.82
C HIS A 814 23.36 -17.79 1.63
N PRO A 815 22.61 -17.54 0.54
CA PRO A 815 22.23 -16.17 0.17
C PRO A 815 21.11 -15.50 0.96
N PHE A 816 20.39 -16.22 1.82
CA PHE A 816 19.27 -15.67 2.65
C PHE A 816 19.73 -15.59 4.11
N ILE A 817 20.40 -14.48 4.45
CA ILE A 817 21.19 -14.31 5.72
C ILE A 817 20.26 -14.20 6.93
N MET A 818 18.99 -13.81 6.74
CA MET A 818 18.00 -13.62 7.84
C MET A 818 17.27 -14.94 8.12
N GLN A 819 17.46 -15.96 7.27
CA GLN A 819 16.96 -17.34 7.50
C GLN A 819 17.91 -18.04 8.48
N THR A 820 17.37 -18.86 9.40
CA THR A 820 18.17 -19.69 10.33
C THR A 820 19.12 -20.59 9.53
N HIS A 821 18.60 -21.31 8.52
CA HIS A 821 19.32 -22.34 7.73
C HIS A 821 19.98 -21.71 6.50
N GLY A 822 19.50 -20.53 6.07
CA GLY A 822 20.14 -19.69 5.05
C GLY A 822 19.55 -19.89 3.66
N PHE A 823 18.46 -20.66 3.55
CA PHE A 823 17.86 -21.08 2.26
C PHE A 823 16.51 -20.38 2.04
N GLY A 824 16.17 -20.15 0.77
CA GLY A 824 14.80 -19.85 0.33
C GLY A 824 13.90 -21.04 0.61
N ALA A 825 12.85 -20.85 1.41
CA ALA A 825 12.02 -21.94 1.95
C ALA A 825 10.85 -22.23 1.01
N LEU A 826 10.97 -23.30 0.20
CA LEU A 826 9.84 -23.91 -0.54
C LEU A 826 8.88 -24.54 0.47
N TYR A 827 9.46 -25.30 1.40
CA TYR A 827 8.82 -25.91 2.58
C TYR A 827 9.04 -24.98 3.78
N GLY A 828 7.96 -24.41 4.32
CA GLY A 828 8.01 -23.39 5.38
C GLY A 828 7.20 -23.80 6.60
N PRO A 829 7.75 -24.64 7.51
CA PRO A 829 6.97 -25.24 8.60
C PRO A 829 6.58 -24.33 9.77
N GLY A 830 6.83 -23.01 9.66
CA GLY A 830 6.52 -22.03 10.73
C GLY A 830 5.08 -21.53 10.66
N ARG A 831 4.38 -21.73 9.54
CA ARG A 831 3.04 -21.14 9.27
C ARG A 831 1.94 -21.99 9.94
N GLU A 832 0.87 -21.33 10.38
CA GLU A 832 -0.19 -21.90 11.27
C GLU A 832 -0.96 -23.04 10.58
N GLU A 833 -1.11 -23.02 9.25
CA GLU A 833 -1.98 -24.02 8.55
C GLU A 833 -1.16 -24.87 7.57
N GLY A 834 0.17 -24.96 7.74
CA GLY A 834 0.99 -26.00 7.10
C GLY A 834 2.20 -25.45 6.34
N PRO A 835 3.18 -26.32 6.03
CA PRO A 835 4.41 -25.92 5.34
C PRO A 835 4.30 -25.79 3.82
N PHE A 836 3.16 -26.20 3.25
CA PHE A 836 2.79 -25.95 1.84
C PHE A 836 1.41 -25.28 1.79
N PRO A 837 1.23 -24.25 0.94
CA PRO A 837 -0.10 -23.76 0.56
C PRO A 837 -1.03 -24.90 0.08
N GLU A 838 -2.27 -24.87 0.56
CA GLU A 838 -3.35 -25.83 0.19
C GLU A 838 -4.64 -25.03 0.00
N HIS A 839 -5.41 -25.31 -1.05
CA HIS A 839 -6.67 -24.59 -1.35
C HIS A 839 -7.70 -24.85 -0.26
N TYR A 840 -8.20 -23.77 0.35
CA TYR A 840 -9.41 -23.74 1.22
C TYR A 840 -10.29 -22.58 0.74
N GLU A 841 -11.60 -22.84 0.63
CA GLU A 841 -12.61 -21.85 0.19
C GLU A 841 -12.72 -20.74 1.23
N PRO A 842 -13.10 -19.51 0.83
CA PRO A 842 -13.38 -18.44 1.79
C PRO A 842 -14.43 -18.90 2.81
N LEU A 843 -14.45 -18.26 3.99
CA LEU A 843 -15.35 -18.62 5.12
C LEU A 843 -16.82 -18.45 4.69
N GLU A 844 -17.10 -17.46 3.83
CA GLU A 844 -18.35 -17.39 3.04
C GLU A 844 -17.99 -17.64 1.57
N CYS A 845 -18.41 -18.77 1.01
CA CYS A 845 -18.02 -19.26 -0.35
C CYS A 845 -19.25 -19.67 -1.15
N PRO A 846 -19.14 -19.76 -2.50
CA PRO A 846 -20.25 -20.20 -3.35
C PRO A 846 -20.24 -21.68 -3.72
N VAL A 847 -19.32 -22.47 -3.17
CA VAL A 847 -19.23 -23.95 -3.39
C VAL A 847 -19.39 -24.67 -2.04
N SER A 848 -19.89 -25.90 -2.08
CA SER A 848 -20.22 -26.74 -0.90
C SER A 848 -19.15 -27.83 -0.71
N LYS A 849 -18.36 -28.13 -1.74
CA LYS A 849 -17.37 -29.24 -1.76
C LYS A 849 -16.04 -28.76 -2.35
N ASN A 850 -14.97 -28.83 -1.54
CA ASN A 850 -13.57 -28.60 -1.98
C ASN A 850 -13.18 -29.77 -2.89
N PRO A 851 -12.81 -29.51 -4.17
CA PRO A 851 -12.37 -30.59 -5.07
C PRO A 851 -10.95 -31.11 -4.78
N PHE A 852 -10.20 -30.46 -3.88
CA PHE A 852 -8.79 -30.80 -3.55
C PHE A 852 -8.71 -31.67 -2.29
N SER A 853 -9.75 -31.67 -1.46
CA SER A 853 -9.75 -32.37 -0.15
C SER A 853 -11.17 -32.51 0.41
N LYS A 854 -11.29 -32.98 1.65
CA LYS A 854 -12.55 -33.05 2.43
C LYS A 854 -12.68 -31.83 3.34
N GLN A 855 -11.61 -31.02 3.46
CA GLN A 855 -11.59 -29.76 4.22
C GLN A 855 -12.05 -28.62 3.30
N LEU A 856 -13.24 -28.08 3.56
CA LEU A 856 -13.83 -26.96 2.77
C LEU A 856 -13.06 -25.67 3.07
N HIS A 857 -12.92 -25.34 4.36
CA HIS A 857 -12.33 -24.08 4.86
C HIS A 857 -10.96 -24.35 5.49
N ASN A 858 -10.22 -23.26 5.80
CA ASN A 858 -8.93 -23.27 6.53
C ASN A 858 -9.18 -23.91 7.90
N PRO A 859 -8.54 -25.07 8.21
CA PRO A 859 -8.88 -25.83 9.41
C PRO A 859 -8.60 -25.09 10.73
N VAL A 860 -7.77 -24.05 10.71
CA VAL A 860 -7.35 -23.28 11.92
C VAL A 860 -7.71 -21.79 11.76
N ALA A 861 -8.56 -21.45 10.78
CA ALA A 861 -8.99 -20.07 10.45
C ALA A 861 -9.40 -19.32 11.73
N PHE A 862 -9.06 -18.04 11.84
CA PHE A 862 -9.52 -17.15 12.93
C PHE A 862 -11.00 -16.81 12.70
N GLN A 863 -11.87 -17.27 13.60
CA GLN A 863 -13.31 -16.91 13.67
C GLN A 863 -13.65 -16.51 15.11
N ILE A 864 -14.77 -15.82 15.30
CA ILE A 864 -15.31 -15.49 16.65
C ILE A 864 -16.54 -16.36 16.89
N GLU A 865 -16.69 -16.88 18.11
CA GLU A 865 -17.73 -17.88 18.45
C GLU A 865 -19.10 -17.22 18.34
N GLY A 866 -20.03 -17.86 17.61
CA GLY A 866 -21.41 -17.39 17.40
C GLY A 866 -21.62 -16.78 16.02
N GLU A 867 -20.69 -15.92 15.60
CA GLU A 867 -20.79 -15.12 14.33
C GLU A 867 -21.15 -16.03 13.15
N LYS A 868 -22.02 -15.55 12.27
CA LYS A 868 -22.68 -16.34 11.19
C LYS A 868 -21.86 -16.27 9.90
N LYS A 869 -21.95 -17.31 9.06
CA LYS A 869 -21.22 -17.42 7.76
C LYS A 869 -22.17 -18.03 6.72
N ALA A 870 -22.37 -17.33 5.61
CA ALA A 870 -23.20 -17.77 4.45
C ALA A 870 -22.37 -18.69 3.53
N VAL A 871 -22.38 -19.99 3.81
CA VAL A 871 -21.71 -21.05 3.00
C VAL A 871 -22.76 -21.66 2.05
N CYS A 872 -22.86 -21.13 0.83
CA CYS A 872 -23.89 -21.51 -0.18
C CYS A 872 -25.29 -21.24 0.38
N ASP A 873 -25.45 -20.14 1.14
CA ASP A 873 -26.74 -19.70 1.70
C ASP A 873 -27.59 -19.16 0.55
N PRO A 874 -28.88 -19.55 0.41
CA PRO A 874 -29.70 -19.11 -0.71
C PRO A 874 -29.96 -17.60 -0.68
N ARG A 875 -29.97 -17.02 0.53
CA ARG A 875 -30.20 -15.58 0.80
C ARG A 875 -29.07 -14.71 0.21
N TYR A 876 -27.88 -15.29 0.03
CA TYR A 876 -26.63 -14.56 -0.35
C TYR A 876 -25.86 -15.40 -1.37
N PRO A 877 -26.37 -15.55 -2.61
CA PRO A 877 -25.80 -16.48 -3.58
C PRO A 877 -24.64 -15.94 -4.43
N PHE A 878 -24.26 -14.68 -4.24
CA PHE A 878 -23.25 -13.96 -5.07
C PHE A 878 -21.97 -13.74 -4.25
N ILE A 879 -20.81 -13.87 -4.90
CA ILE A 879 -19.48 -13.52 -4.33
C ILE A 879 -19.45 -12.02 -4.08
N GLY A 880 -19.11 -11.62 -2.84
CA GLY A 880 -18.86 -10.22 -2.46
C GLY A 880 -17.37 -9.96 -2.38
N THR A 881 -16.93 -8.83 -2.94
CA THR A 881 -15.53 -8.33 -2.82
C THR A 881 -15.54 -6.80 -2.77
N THR A 882 -14.53 -6.22 -2.12
CA THR A 882 -14.34 -4.76 -1.95
C THR A 882 -12.94 -4.40 -2.48
N TYR A 883 -12.81 -3.21 -3.06
CA TYR A 883 -11.59 -2.74 -3.76
C TYR A 883 -11.65 -1.22 -3.89
N ARG A 884 -10.63 -0.64 -4.54
CA ARG A 884 -10.43 0.83 -4.61
C ARG A 884 -10.65 1.32 -6.05
N VAL A 885 -10.81 2.63 -6.20
CA VAL A 885 -10.70 3.41 -7.47
C VAL A 885 -9.54 4.40 -7.30
N THR A 886 -8.98 4.90 -8.40
CA THR A 886 -7.78 5.79 -8.43
C THR A 886 -8.02 7.06 -7.60
N GLU A 887 -9.25 7.60 -7.63
CA GLU A 887 -9.54 9.00 -7.23
C GLU A 887 -9.77 9.15 -5.73
N HIS A 888 -10.10 8.07 -5.00
CA HIS A 888 -10.42 8.12 -3.54
C HIS A 888 -9.37 7.35 -2.73
N TRP A 889 -9.22 7.74 -1.46
CA TRP A 889 -8.17 7.25 -0.52
C TRP A 889 -8.81 6.60 0.71
N GLN A 890 -8.67 5.28 0.85
CA GLN A 890 -8.99 4.51 2.08
C GLN A 890 -10.50 4.59 2.36
N THR A 891 -10.92 5.02 3.55
CA THR A 891 -12.35 5.21 3.92
C THR A 891 -12.93 6.42 3.20
N GLY A 892 -12.07 7.23 2.55
CA GLY A 892 -12.46 8.44 1.80
C GLY A 892 -12.54 9.65 2.71
N LEU A 893 -12.30 9.48 4.01
CA LEU A 893 -12.28 10.57 5.03
C LEU A 893 -11.57 11.80 4.47
N MET A 894 -10.40 11.60 3.86
CA MET A 894 -9.55 12.68 3.27
C MET A 894 -10.13 13.13 1.91
N THR A 895 -10.49 12.19 1.03
CA THR A 895 -10.79 12.45 -0.40
C THR A 895 -12.27 12.82 -0.60
N ARG A 896 -13.14 12.46 0.34
CA ARG A 896 -14.58 12.83 0.32
C ARG A 896 -14.75 14.30 0.71
N ARG A 897 -13.69 14.95 1.21
CA ARG A 897 -13.62 16.39 1.56
C ARG A 897 -13.03 17.20 0.40
N CYS A 898 -12.52 16.52 -0.63
CA CYS A 898 -11.81 17.14 -1.78
C CYS A 898 -12.75 17.14 -3.00
N ALA A 899 -13.21 18.32 -3.40
CA ALA A 899 -14.30 18.54 -4.38
C ALA A 899 -13.96 17.94 -5.75
N TRP A 900 -12.69 17.97 -6.16
CA TRP A 900 -12.23 17.49 -7.49
C TRP A 900 -12.28 15.95 -7.56
N LEU A 901 -12.11 15.27 -6.43
CA LEU A 901 -12.11 13.78 -6.36
C LEU A 901 -13.55 13.29 -6.24
N VAL A 902 -14.37 13.98 -5.45
CA VAL A 902 -15.85 13.77 -5.38
C VAL A 902 -16.44 14.02 -6.78
N GLU A 903 -15.97 15.08 -7.45
CA GLU A 903 -16.38 15.42 -8.85
C GLU A 903 -16.29 14.16 -9.73
N ALA A 904 -15.13 13.49 -9.71
CA ALA A 904 -14.81 12.31 -10.57
C ALA A 904 -15.55 11.06 -10.10
N GLU A 905 -15.71 10.86 -8.78
CA GLU A 905 -16.30 9.64 -8.16
C GLU A 905 -17.20 10.05 -6.99
N PRO A 906 -18.38 10.62 -7.27
CA PRO A 906 -19.21 11.23 -6.23
C PRO A 906 -19.99 10.30 -5.30
N GLN A 907 -20.26 9.06 -5.71
CA GLN A 907 -21.18 8.12 -4.99
C GLN A 907 -20.61 6.70 -4.97
N ILE A 908 -20.96 5.93 -3.93
CA ILE A 908 -20.75 4.45 -3.88
C ILE A 908 -21.50 3.83 -5.06
N PHE A 909 -20.84 2.89 -5.75
CA PHE A 909 -21.38 2.15 -6.91
C PHE A 909 -21.33 0.65 -6.61
N CYS A 910 -21.91 -0.16 -7.49
CA CYS A 910 -21.95 -1.64 -7.39
C CYS A 910 -21.72 -2.26 -8.77
N GLU A 911 -20.50 -2.76 -9.02
CA GLU A 911 -20.11 -3.33 -10.33
C GLU A 911 -20.62 -4.77 -10.44
N ILE A 912 -21.40 -5.06 -11.48
CA ILE A 912 -21.97 -6.40 -11.78
C ILE A 912 -21.90 -6.64 -13.28
N SER A 913 -21.85 -7.92 -13.68
CA SER A 913 -21.84 -8.39 -15.09
C SER A 913 -23.17 -8.02 -15.76
N LYS A 914 -23.26 -8.19 -17.08
CA LYS A 914 -24.53 -8.06 -17.84
C LYS A 914 -25.41 -9.27 -17.53
N GLU A 915 -24.79 -10.45 -17.32
CA GLU A 915 -25.49 -11.74 -17.03
C GLU A 915 -26.24 -11.63 -15.69
N LEU A 916 -25.61 -11.11 -14.64
CA LEU A 916 -26.21 -10.94 -13.29
C LEU A 916 -27.26 -9.81 -13.33
N ALA A 917 -26.98 -8.72 -14.06
CA ALA A 917 -27.91 -7.59 -14.25
C ALA A 917 -29.20 -8.09 -14.90
N LYS A 918 -29.06 -8.98 -15.91
CA LYS A 918 -30.18 -9.65 -16.63
C LYS A 918 -30.99 -10.49 -15.63
N LEU A 919 -30.32 -11.37 -14.90
CA LEU A 919 -30.91 -12.37 -13.97
C LEU A 919 -31.68 -11.67 -12.83
N ARG A 920 -31.22 -10.50 -12.39
CA ARG A 920 -31.82 -9.74 -11.25
C ARG A 920 -32.66 -8.55 -11.77
N GLY A 921 -32.76 -8.38 -13.09
CA GLY A 921 -33.50 -7.27 -13.72
C GLY A 921 -33.00 -5.92 -13.24
N ILE A 922 -31.68 -5.71 -13.26
CA ILE A 922 -31.01 -4.43 -12.86
C ILE A 922 -30.57 -3.70 -14.14
N GLY A 923 -30.87 -2.40 -14.23
CA GLY A 923 -30.46 -1.52 -15.34
C GLY A 923 -29.26 -0.69 -14.96
N ASN A 924 -28.40 -0.35 -15.93
CA ASN A 924 -27.19 0.48 -15.69
C ASN A 924 -27.63 1.82 -15.10
N GLY A 925 -27.14 2.16 -13.90
CA GLY A 925 -27.42 3.42 -13.21
C GLY A 925 -28.50 3.29 -12.14
N ASP A 926 -29.24 2.17 -12.13
CA ASP A 926 -30.32 1.89 -11.15
C ASP A 926 -29.74 1.86 -9.73
N THR A 927 -30.57 2.22 -8.75
CA THR A 927 -30.29 2.02 -7.30
C THR A 927 -30.44 0.52 -6.98
N VAL A 928 -29.41 -0.09 -6.39
CA VAL A 928 -29.45 -1.51 -5.93
C VAL A 928 -29.16 -1.52 -4.43
N LYS A 929 -29.75 -2.49 -3.72
CA LYS A 929 -29.45 -2.76 -2.29
C LYS A 929 -28.57 -4.01 -2.23
N VAL A 930 -27.35 -3.87 -1.69
CA VAL A 930 -26.40 -4.99 -1.46
C VAL A 930 -26.44 -5.34 0.02
N SER A 931 -26.71 -6.62 0.34
CA SER A 931 -26.91 -7.11 1.73
C SER A 931 -26.05 -8.35 1.99
N SER A 932 -25.58 -8.49 3.23
CA SER A 932 -24.96 -9.71 3.79
C SER A 932 -25.60 -10.01 5.16
N LEU A 933 -25.12 -11.05 5.85
CA LEU A 933 -25.59 -11.46 7.20
C LEU A 933 -25.33 -10.34 8.22
N ARG A 934 -24.41 -9.42 7.94
CA ARG A 934 -23.92 -8.40 8.92
C ARG A 934 -24.47 -7.01 8.62
N GLY A 935 -25.03 -6.75 7.43
CA GLY A 935 -25.58 -5.43 7.09
C GLY A 935 -26.00 -5.30 5.63
N ALA A 936 -26.48 -4.11 5.25
CA ALA A 936 -26.93 -3.77 3.87
C ALA A 936 -26.71 -2.26 3.62
N LEU A 937 -26.61 -1.88 2.34
CA LEU A 937 -26.42 -0.48 1.90
C LEU A 937 -27.03 -0.29 0.50
N GLU A 938 -27.10 0.95 0.04
CA GLU A 938 -27.60 1.33 -1.32
C GLU A 938 -26.42 1.87 -2.14
N ALA A 939 -26.39 1.54 -3.44
CA ALA A 939 -25.32 1.91 -4.38
C ALA A 939 -25.89 2.07 -5.80
N VAL A 940 -25.22 2.87 -6.64
CA VAL A 940 -25.54 3.01 -8.09
C VAL A 940 -24.92 1.81 -8.83
N ALA A 941 -25.73 1.09 -9.61
CA ALA A 941 -25.31 -0.11 -10.38
C ALA A 941 -24.49 0.32 -11.59
N ILE A 942 -23.21 -0.09 -11.64
CA ILE A 942 -22.37 -0.04 -12.87
C ILE A 942 -22.42 -1.44 -13.49
N VAL A 943 -23.27 -1.60 -14.52
CA VAL A 943 -23.43 -2.88 -15.29
C VAL A 943 -22.42 -2.83 -16.43
N THR A 944 -21.52 -3.81 -16.49
CA THR A 944 -20.32 -3.77 -17.37
C THR A 944 -19.92 -5.18 -17.79
N GLU A 945 -19.43 -5.29 -19.03
CA GLU A 945 -18.80 -6.51 -19.62
C GLU A 945 -17.44 -6.76 -18.96
N ARG A 946 -16.96 -5.83 -18.12
CA ARG A 946 -15.66 -5.94 -17.39
C ARG A 946 -15.76 -7.00 -16.30
N ILE A 947 -16.98 -7.34 -15.84
CA ILE A 947 -17.24 -8.52 -14.96
C ILE A 947 -18.05 -9.53 -15.78
N ARG A 948 -17.68 -10.81 -15.66
CA ARG A 948 -18.36 -11.95 -16.33
C ARG A 948 -18.59 -13.06 -15.31
N PRO A 949 -19.54 -13.99 -15.55
CA PRO A 949 -19.78 -15.10 -14.62
C PRO A 949 -18.54 -15.98 -14.49
N PHE A 950 -18.32 -16.52 -13.29
CA PHE A 950 -17.24 -17.50 -12.99
C PHE A 950 -17.82 -18.91 -13.16
N LYS A 951 -17.31 -19.65 -14.14
CA LYS A 951 -17.72 -21.06 -14.43
C LYS A 951 -17.04 -21.99 -13.40
N ILE A 952 -17.68 -22.16 -12.24
CA ILE A 952 -17.19 -22.99 -11.10
C ILE A 952 -17.98 -24.31 -11.09
N GLU A 953 -17.32 -25.43 -11.43
CA GLU A 953 -17.89 -26.80 -11.49
C GLU A 953 -19.06 -26.83 -12.48
N GLY A 954 -18.85 -26.31 -13.70
CA GLY A 954 -19.84 -26.32 -14.80
C GLY A 954 -21.01 -25.37 -14.57
N VAL A 955 -21.05 -24.71 -13.40
CA VAL A 955 -22.12 -23.75 -12.98
C VAL A 955 -21.53 -22.34 -13.00
N ASP A 956 -22.31 -21.35 -13.47
CA ASP A 956 -21.91 -19.93 -13.58
C ASP A 956 -22.21 -19.23 -12.24
N VAL A 957 -21.17 -18.77 -11.54
CA VAL A 957 -21.26 -18.04 -10.24
C VAL A 957 -21.04 -16.54 -10.52
N HIS A 958 -21.90 -15.69 -9.97
CA HIS A 958 -21.92 -14.22 -10.16
C HIS A 958 -21.28 -13.53 -8.95
N MET A 959 -20.56 -12.43 -9.18
CA MET A 959 -19.93 -11.62 -8.10
C MET A 959 -20.59 -10.24 -8.04
N VAL A 960 -20.44 -9.57 -6.89
CA VAL A 960 -20.86 -8.16 -6.64
C VAL A 960 -19.64 -7.41 -6.12
N GLY A 961 -19.16 -6.42 -6.88
CA GLY A 961 -18.01 -5.59 -6.51
C GLY A 961 -18.46 -4.27 -5.91
N LEU A 962 -17.81 -3.85 -4.81
CA LEU A 962 -18.12 -2.57 -4.11
C LEU A 962 -16.83 -1.82 -3.76
N PRO A 963 -16.80 -0.48 -3.90
CA PRO A 963 -15.76 0.34 -3.30
C PRO A 963 -16.08 0.59 -1.82
N TRP A 964 -15.05 0.77 -0.99
CA TRP A 964 -15.18 0.97 0.47
C TRP A 964 -14.75 2.39 0.85
N HIS A 965 -14.85 3.32 -0.12
CA HIS A 965 -14.35 4.72 -0.01
C HIS A 965 -15.41 5.65 0.59
N TYR A 966 -16.59 5.15 0.96
CA TYR A 966 -17.76 6.00 1.30
C TYR A 966 -18.16 5.82 2.77
N GLY A 967 -18.79 6.85 3.33
CA GLY A 967 -19.25 6.95 4.73
C GLY A 967 -20.37 7.97 4.88
N TRP A 968 -21.22 7.78 5.89
CA TRP A 968 -22.53 8.49 6.05
C TRP A 968 -22.34 10.01 6.15
N MET A 969 -21.17 10.49 6.55
CA MET A 969 -20.93 11.89 6.99
C MET A 969 -20.85 12.87 5.80
N VAL A 970 -20.08 12.52 4.76
CA VAL A 970 -19.81 13.41 3.58
C VAL A 970 -19.37 12.54 2.41
N PRO A 971 -19.79 12.81 1.14
CA PRO A 971 -20.69 13.90 0.79
C PRO A 971 -22.19 13.53 0.74
N LYS A 972 -23.02 14.51 0.38
CA LYS A 972 -24.48 14.34 0.16
C LYS A 972 -24.72 13.25 -0.88
N ASN A 973 -25.41 12.16 -0.49
CA ASN A 973 -25.81 11.02 -1.34
C ASN A 973 -24.59 10.17 -1.73
N GLY A 974 -23.46 10.38 -1.06
CA GLY A 974 -22.20 9.62 -1.29
C GLY A 974 -22.35 8.15 -0.93
N GLY A 975 -23.10 7.86 0.15
CA GLY A 975 -23.34 6.48 0.64
C GLY A 975 -22.48 6.16 1.84
N ASP A 976 -22.60 4.93 2.36
CA ASP A 976 -21.94 4.45 3.61
C ASP A 976 -20.81 3.47 3.23
N THR A 977 -20.13 2.91 4.24
CA THR A 977 -18.98 1.99 4.08
C THR A 977 -19.46 0.62 3.61
N ALA A 978 -18.70 -0.03 2.72
CA ALA A 978 -18.93 -1.41 2.23
C ALA A 978 -18.61 -2.42 3.35
N ASN A 979 -17.93 -1.97 4.42
CA ASN A 979 -17.50 -2.81 5.56
C ASN A 979 -18.70 -3.16 6.46
N LEU A 980 -19.89 -2.60 6.17
CA LEU A 980 -21.18 -3.02 6.76
C LEU A 980 -21.45 -4.48 6.37
N LEU A 981 -20.92 -4.91 5.21
CA LEU A 981 -21.14 -6.25 4.64
C LEU A 981 -20.05 -7.24 5.08
N THR A 982 -18.84 -6.75 5.43
CA THR A 982 -17.60 -7.58 5.51
C THR A 982 -17.58 -8.39 6.81
N PRO A 983 -17.13 -9.67 6.75
CA PRO A 983 -17.03 -10.51 7.95
C PRO A 983 -15.82 -10.18 8.83
N SER A 984 -15.97 -10.41 10.14
CA SER A 984 -14.93 -10.17 11.17
C SER A 984 -14.20 -11.49 11.49
N ALA A 985 -13.75 -12.19 10.44
CA ALA A 985 -13.03 -13.47 10.47
C ALA A 985 -11.97 -13.48 9.36
N GLY A 986 -10.95 -14.33 9.47
CA GLY A 986 -9.90 -14.46 8.43
C GLY A 986 -8.68 -15.24 8.89
N ASP A 987 -7.49 -14.69 8.65
CA ASP A 987 -6.20 -15.44 8.61
C ASP A 987 -5.78 -15.83 10.02
N PRO A 988 -5.42 -17.12 10.25
CA PRO A 988 -5.00 -17.57 11.58
C PRO A 988 -3.58 -17.13 11.96
N ASN A 989 -2.77 -16.72 10.99
CA ASN A 989 -1.37 -16.26 11.22
C ASN A 989 -1.40 -14.84 11.79
N THR A 990 -2.16 -13.94 11.15
CA THR A 990 -2.08 -12.47 11.35
C THR A 990 -3.44 -11.86 11.75
N GLY A 991 -4.54 -12.59 11.61
CA GLY A 991 -5.90 -12.12 11.98
C GLY A 991 -6.42 -11.04 11.05
N ILE A 992 -5.95 -11.01 9.80
CA ILE A 992 -6.46 -10.06 8.75
C ILE A 992 -7.87 -10.49 8.37
N PRO A 993 -8.85 -9.56 8.30
CA PRO A 993 -10.22 -9.92 7.92
C PRO A 993 -10.32 -10.27 6.42
N GLU A 994 -11.28 -11.11 6.08
CA GLU A 994 -11.51 -11.62 4.71
C GLU A 994 -12.40 -10.62 3.95
N THR A 995 -11.84 -9.45 3.63
CA THR A 995 -12.55 -8.30 3.03
C THR A 995 -12.58 -8.42 1.48
N LYS A 996 -11.92 -9.44 0.90
CA LYS A 996 -11.81 -9.62 -0.58
C LYS A 996 -12.66 -10.81 -1.06
N ALA A 997 -13.22 -11.62 -0.15
CA ALA A 997 -14.06 -12.79 -0.52
C ALA A 997 -15.05 -13.11 0.60
N PHE A 998 -16.31 -12.73 0.39
CA PHE A 998 -17.47 -13.13 1.22
C PHE A 998 -18.66 -13.30 0.28
N MET A 999 -19.88 -13.44 0.84
CA MET A 999 -21.12 -13.69 0.04
C MET A 999 -22.14 -12.60 0.35
N VAL A 1000 -22.88 -12.17 -0.67
CA VAL A 1000 -23.90 -11.08 -0.57
C VAL A 1000 -25.07 -11.40 -1.50
N ASP A 1001 -26.17 -10.66 -1.30
CA ASP A 1001 -27.30 -10.54 -2.24
C ASP A 1001 -27.31 -9.10 -2.78
N VAL A 1002 -27.69 -8.91 -4.04
CA VAL A 1002 -27.96 -7.57 -4.64
C VAL A 1002 -29.38 -7.60 -5.21
N ARG A 1003 -30.16 -6.55 -4.94
CA ARG A 1003 -31.57 -6.43 -5.40
C ARG A 1003 -31.87 -4.97 -5.76
N LYS A 1004 -32.62 -4.76 -6.84
CA LYS A 1004 -33.06 -3.42 -7.32
C LYS A 1004 -34.03 -2.83 -6.29
N VAL A 1005 -34.01 -1.51 -6.11
CA VAL A 1005 -34.87 -0.76 -5.16
C VAL A 1005 -36.05 -0.14 -5.93
N GLY B 1 6.18 26.69 -33.54
CA GLY B 1 5.19 26.59 -32.42
C GLY B 1 5.39 25.34 -31.60
N LYS B 2 4.54 25.13 -30.59
CA LYS B 2 4.59 23.98 -29.65
C LYS B 2 3.57 22.92 -30.07
N MET B 3 3.72 21.70 -29.57
CA MET B 3 2.85 20.55 -29.93
C MET B 3 2.79 19.58 -28.75
N PHE B 4 1.60 19.03 -28.48
CA PHE B 4 1.40 17.85 -27.60
C PHE B 4 1.41 16.60 -28.48
N PHE B 5 2.05 15.54 -28.01
CA PHE B 5 1.87 14.16 -28.51
C PHE B 5 1.23 13.35 -27.38
N VAL B 6 0.00 12.86 -27.60
CA VAL B 6 -0.81 12.13 -26.58
C VAL B 6 -0.93 10.66 -27.00
N ASP B 7 -0.08 9.81 -26.42
CA ASP B 7 -0.02 8.35 -26.70
C ASP B 7 -1.03 7.61 -25.82
N LEU B 8 -2.24 7.39 -26.33
CA LEU B 8 -3.36 6.75 -25.59
C LEU B 8 -3.11 5.25 -25.39
N SER B 9 -2.08 4.69 -26.03
CA SER B 9 -1.63 3.29 -25.83
C SER B 9 -0.96 3.14 -24.46
N ARG B 10 -0.74 4.24 -23.74
CA ARG B 10 -0.06 4.25 -22.41
C ARG B 10 -1.00 4.78 -21.32
N CYS B 11 -2.23 5.18 -21.65
CA CYS B 11 -3.16 5.88 -20.73
C CYS B 11 -3.84 4.85 -19.81
N THR B 12 -3.78 5.07 -18.51
CA THR B 12 -4.39 4.23 -17.45
C THR B 12 -5.68 4.90 -16.93
N ALA B 13 -6.12 6.00 -17.56
CA ALA B 13 -7.28 6.81 -17.14
C ALA B 13 -7.22 7.14 -15.64
N CYS B 14 -6.02 7.46 -15.13
CA CYS B 14 -5.79 7.82 -13.70
C CYS B 14 -6.49 9.16 -13.39
N ARG B 15 -6.72 9.99 -14.42
CA ARG B 15 -7.35 11.33 -14.35
C ARG B 15 -6.46 12.28 -13.53
N GLY B 16 -5.16 12.01 -13.48
CA GLY B 16 -4.17 12.95 -12.93
C GLY B 16 -4.22 14.28 -13.68
N CYS B 17 -4.38 14.22 -15.00
CA CYS B 17 -4.44 15.37 -15.93
C CYS B 17 -5.71 16.20 -15.67
N GLN B 18 -6.83 15.52 -15.39
CA GLN B 18 -8.15 16.16 -15.13
C GLN B 18 -8.06 17.01 -13.85
N ILE B 19 -7.47 16.46 -12.79
CA ILE B 19 -7.33 17.14 -11.47
C ILE B 19 -6.23 18.23 -11.59
N ALA B 20 -5.13 17.93 -12.27
CA ALA B 20 -3.95 18.83 -12.41
C ALA B 20 -4.37 20.12 -13.13
N CYS B 21 -5.23 20.03 -14.14
CA CYS B 21 -5.78 21.19 -14.89
C CYS B 21 -6.52 22.12 -13.92
N LYS B 22 -7.43 21.56 -13.12
CA LYS B 22 -8.28 22.31 -12.15
C LYS B 22 -7.42 22.86 -11.01
N GLN B 23 -6.40 22.13 -10.56
CA GLN B 23 -5.50 22.57 -9.44
C GLN B 23 -4.70 23.79 -9.90
N TRP B 24 -4.08 23.72 -11.07
CA TRP B 24 -3.23 24.82 -11.59
C TRP B 24 -4.06 26.10 -11.74
N LYS B 25 -5.27 25.99 -12.29
CA LYS B 25 -6.15 27.15 -12.60
C LYS B 25 -7.06 27.48 -11.41
N ASN B 26 -7.14 26.59 -10.42
CA ASN B 26 -8.01 26.71 -9.22
C ASN B 26 -9.46 26.82 -9.68
N LEU B 27 -9.86 25.98 -10.63
CA LEU B 27 -11.25 25.92 -11.17
C LEU B 27 -12.16 25.26 -10.15
N PRO B 28 -13.45 25.64 -10.10
CA PRO B 28 -14.41 24.96 -9.23
C PRO B 28 -14.75 23.55 -9.73
N ALA B 29 -15.26 22.71 -8.83
CA ALA B 29 -15.80 21.36 -9.13
C ALA B 29 -17.25 21.49 -9.57
N GLU B 30 -17.67 20.68 -10.54
CA GLU B 30 -19.09 20.53 -10.97
C GLU B 30 -19.84 19.71 -9.92
N GLU B 31 -21.16 19.87 -9.89
CA GLU B 31 -22.08 18.95 -9.17
C GLU B 31 -22.32 17.75 -10.09
N THR B 32 -21.94 16.55 -9.62
CA THR B 32 -21.98 15.29 -10.40
C THR B 32 -22.66 14.19 -9.59
N ARG B 33 -23.19 13.19 -10.29
CA ARG B 33 -23.71 11.93 -9.68
C ARG B 33 -23.30 10.77 -10.58
N ASN B 34 -23.15 9.58 -10.02
CA ASN B 34 -22.82 8.34 -10.78
C ASN B 34 -24.12 7.84 -11.42
N THR B 35 -24.13 7.69 -12.75
CA THR B 35 -25.28 7.26 -13.59
C THR B 35 -24.95 5.92 -14.27
N GLY B 36 -23.94 5.20 -13.75
CA GLY B 36 -23.55 3.86 -14.23
C GLY B 36 -22.23 3.89 -14.99
N SER B 37 -21.34 4.83 -14.65
CA SER B 37 -20.03 5.05 -15.32
C SER B 37 -19.04 5.73 -14.37
N HIS B 38 -17.74 5.46 -14.57
CA HIS B 38 -16.62 6.13 -13.84
C HIS B 38 -16.38 7.52 -14.43
N GLN B 39 -16.84 7.76 -15.66
CA GLN B 39 -16.73 9.06 -16.36
C GLN B 39 -17.47 10.13 -15.54
N ASN B 40 -16.76 11.21 -15.19
CA ASN B 40 -17.29 12.39 -14.46
C ASN B 40 -16.18 13.43 -14.33
N PRO B 41 -16.44 14.72 -14.65
CA PRO B 41 -17.70 15.17 -15.23
C PRO B 41 -18.00 14.51 -16.57
N PRO B 42 -19.29 14.33 -16.94
CA PRO B 42 -19.66 13.53 -18.11
C PRO B 42 -19.28 14.22 -19.43
N ASP B 43 -19.08 15.54 -19.39
CA ASP B 43 -18.79 16.38 -20.57
C ASP B 43 -17.85 17.52 -20.16
N LEU B 44 -17.21 18.16 -21.13
CA LEU B 44 -16.56 19.48 -20.94
C LEU B 44 -17.66 20.49 -20.57
N SER B 45 -17.32 21.51 -19.80
CA SER B 45 -18.22 22.63 -19.42
C SER B 45 -17.40 23.91 -19.26
N TYR B 46 -18.04 25.01 -18.85
CA TYR B 46 -17.40 26.33 -18.61
C TYR B 46 -16.25 26.18 -17.59
N VAL B 47 -16.37 25.23 -16.66
CA VAL B 47 -15.45 25.05 -15.50
C VAL B 47 -14.56 23.81 -15.69
N THR B 48 -14.81 22.98 -16.71
CA THR B 48 -14.07 21.72 -16.98
C THR B 48 -13.49 21.77 -18.40
N LEU B 49 -12.18 22.01 -18.49
CA LEU B 49 -11.42 22.21 -19.77
C LEU B 49 -10.89 20.86 -20.27
N LYS B 50 -10.84 19.86 -19.38
CA LYS B 50 -10.43 18.47 -19.69
C LYS B 50 -11.21 17.49 -18.81
N THR B 51 -11.85 16.50 -19.43
CA THR B 51 -12.43 15.32 -18.74
C THR B 51 -11.98 14.08 -19.50
N VAL B 52 -11.69 12.98 -18.79
CA VAL B 52 -11.30 11.67 -19.39
C VAL B 52 -12.60 10.91 -19.71
N ARG B 53 -12.87 10.68 -20.99
CA ARG B 53 -14.03 9.88 -21.46
C ARG B 53 -13.67 8.40 -21.39
N PHE B 54 -14.59 7.57 -20.87
CA PHE B 54 -14.47 6.09 -20.76
C PHE B 54 -15.47 5.46 -21.74
N THR B 55 -14.98 4.60 -22.64
CA THR B 55 -15.83 3.83 -23.58
C THR B 55 -15.43 2.35 -23.54
N GLU B 56 -16.40 1.47 -23.34
CA GLU B 56 -16.20 -0.01 -23.32
C GLU B 56 -16.65 -0.57 -24.66
N LYS B 57 -15.73 -1.20 -25.40
CA LYS B 57 -16.02 -1.91 -26.67
C LYS B 57 -15.86 -3.41 -26.42
N SER B 58 -16.88 -4.18 -26.77
CA SER B 58 -16.93 -5.66 -26.64
C SER B 58 -15.81 -6.28 -27.49
N ARG B 59 -15.21 -7.37 -27.01
CA ARG B 59 -14.04 -8.04 -27.65
C ARG B 59 -14.24 -9.56 -27.64
N LYS B 60 -13.67 -10.25 -28.63
CA LYS B 60 -13.72 -11.73 -28.76
C LYS B 60 -12.90 -12.35 -27.62
N GLY B 61 -13.58 -12.86 -26.59
CA GLY B 61 -12.96 -13.54 -25.44
C GLY B 61 -13.00 -12.68 -24.17
N PRO B 62 -12.22 -13.04 -23.13
CA PRO B 62 -12.31 -12.38 -21.83
C PRO B 62 -11.79 -10.94 -21.87
N GLY B 63 -12.37 -10.08 -21.04
CA GLY B 63 -12.05 -8.64 -20.98
C GLY B 63 -12.67 -7.89 -22.16
N ILE B 64 -12.44 -6.58 -22.21
CA ILE B 64 -12.97 -5.65 -23.25
C ILE B 64 -11.79 -4.87 -23.83
N ASP B 65 -12.06 -4.02 -24.83
CA ASP B 65 -11.22 -2.85 -25.19
C ASP B 65 -11.80 -1.64 -24.44
N TRP B 66 -11.13 -1.21 -23.37
CA TRP B 66 -11.51 -0.01 -22.57
C TRP B 66 -10.73 1.20 -23.11
N LEU B 67 -11.43 2.13 -23.76
CA LEU B 67 -10.82 3.27 -24.50
C LEU B 67 -10.95 4.56 -23.68
N PHE B 68 -9.80 5.17 -23.37
CA PHE B 68 -9.67 6.38 -22.52
C PHE B 68 -9.26 7.58 -23.39
N PHE B 69 -9.99 8.68 -23.28
CA PHE B 69 -9.78 9.90 -24.12
C PHE B 69 -9.78 11.14 -23.21
N PRO B 70 -8.59 11.55 -22.72
CA PRO B 70 -8.43 12.83 -22.04
C PRO B 70 -8.55 13.98 -23.07
N GLU B 71 -9.76 14.52 -23.19
CA GLU B 71 -10.17 15.47 -24.25
C GLU B 71 -9.72 16.90 -23.91
N GLN B 72 -9.21 17.63 -24.91
CA GLN B 72 -8.85 19.08 -24.77
C GLN B 72 -8.89 19.74 -26.16
N CYS B 73 -8.97 21.07 -26.18
CA CYS B 73 -8.73 21.91 -27.39
C CYS B 73 -7.50 21.37 -28.14
N ARG B 74 -7.63 21.19 -29.46
CA ARG B 74 -6.53 20.69 -30.32
C ARG B 74 -5.58 21.83 -30.68
N HIS B 75 -5.93 23.08 -30.33
CA HIS B 75 -5.13 24.30 -30.66
C HIS B 75 -4.72 24.22 -32.13
N CYS B 76 -5.72 24.16 -33.01
CA CYS B 76 -5.60 23.98 -34.48
C CYS B 76 -4.62 24.99 -35.08
N VAL B 77 -3.86 24.58 -36.10
CA VAL B 77 -2.85 25.42 -36.80
C VAL B 77 -3.58 26.57 -37.51
N GLU B 78 -4.75 26.28 -38.08
CA GLU B 78 -5.67 27.30 -38.67
C GLU B 78 -7.03 27.17 -37.99
N PRO B 79 -7.23 27.79 -36.80
CA PRO B 79 -8.42 27.54 -35.98
C PRO B 79 -9.69 28.10 -36.58
N PRO B 80 -10.66 27.24 -37.00
CA PRO B 80 -11.94 27.71 -37.49
C PRO B 80 -12.77 28.48 -36.45
N CYS B 81 -12.52 28.23 -35.15
CA CYS B 81 -13.18 28.96 -34.03
C CYS B 81 -12.87 30.46 -34.15
N LYS B 82 -11.61 30.81 -34.47
CA LYS B 82 -11.16 32.21 -34.64
C LYS B 82 -11.84 32.82 -35.87
N GLY B 83 -11.82 32.09 -36.99
CA GLY B 83 -12.48 32.48 -38.26
C GLY B 83 -13.91 32.93 -38.04
N GLN B 84 -14.67 32.21 -37.20
CA GLN B 84 -16.10 32.47 -36.91
C GLN B 84 -16.23 33.66 -35.95
N ALA B 85 -15.46 33.67 -34.85
CA ALA B 85 -15.47 34.74 -33.82
C ALA B 85 -15.10 36.08 -34.45
N ASP B 86 -14.16 36.08 -35.41
CA ASP B 86 -13.64 37.30 -36.09
C ASP B 86 -14.74 37.92 -36.97
N VAL B 87 -15.75 37.14 -37.38
CA VAL B 87 -16.95 37.64 -38.13
C VAL B 87 -17.68 38.66 -37.25
N ASP B 88 -17.78 38.38 -35.94
CA ASP B 88 -18.55 39.22 -34.97
C ASP B 88 -17.64 40.31 -34.40
N LEU B 89 -16.46 39.94 -33.88
CA LEU B 89 -15.55 40.88 -33.16
C LEU B 89 -14.15 40.28 -33.04
N GLU B 90 -13.18 40.85 -33.75
CA GLU B 90 -11.73 40.48 -33.65
C GLU B 90 -11.25 40.77 -32.22
N GLY B 91 -10.44 39.87 -31.66
CA GLY B 91 -9.88 39.99 -30.29
C GLY B 91 -10.63 39.14 -29.28
N ALA B 92 -11.75 38.52 -29.68
CA ALA B 92 -12.49 37.51 -28.88
C ALA B 92 -11.71 36.19 -28.88
N VAL B 93 -11.13 35.82 -30.03
CA VAL B 93 -10.22 34.65 -30.20
C VAL B 93 -8.95 35.15 -30.87
N VAL B 94 -7.79 34.93 -30.23
CA VAL B 94 -6.45 35.38 -30.71
C VAL B 94 -5.51 34.17 -30.72
N LYS B 95 -4.38 34.29 -31.42
CA LYS B 95 -3.36 33.23 -31.57
C LYS B 95 -2.00 33.76 -31.08
N ASP B 96 -1.29 32.99 -30.25
CA ASP B 96 0.11 33.25 -29.83
C ASP B 96 1.04 32.71 -30.93
N GLU B 97 1.81 33.58 -31.58
CA GLU B 97 2.61 33.23 -32.79
C GLU B 97 3.87 32.45 -32.38
N THR B 98 4.31 32.56 -31.12
CA THR B 98 5.52 31.88 -30.58
C THR B 98 5.19 30.43 -30.22
N THR B 99 4.10 30.22 -29.47
CA THR B 99 3.68 28.88 -28.93
C THR B 99 2.72 28.19 -29.90
N GLY B 100 1.83 28.93 -30.55
CA GLY B 100 0.78 28.39 -31.44
C GLY B 100 -0.53 28.14 -30.69
N ALA B 101 -0.59 28.58 -29.43
CA ALA B 101 -1.81 28.51 -28.59
C ALA B 101 -2.93 29.32 -29.24
N VAL B 102 -4.15 28.77 -29.24
CA VAL B 102 -5.41 29.45 -29.64
C VAL B 102 -6.12 29.84 -28.34
N LEU B 103 -6.35 31.14 -28.13
CA LEU B 103 -6.76 31.70 -26.81
C LEU B 103 -8.09 32.43 -26.95
N PHE B 104 -9.09 32.01 -26.17
CA PHE B 104 -10.38 32.73 -25.98
C PHE B 104 -10.18 33.82 -24.91
N THR B 105 -10.58 35.06 -25.21
CA THR B 105 -10.64 36.19 -24.26
C THR B 105 -12.10 36.35 -23.81
N GLU B 106 -12.34 37.26 -22.86
CA GLU B 106 -13.68 37.50 -22.25
C GLU B 106 -14.59 38.23 -23.25
N LEU B 107 -14.04 38.74 -24.36
CA LEU B 107 -14.81 39.35 -25.48
C LEU B 107 -15.69 38.30 -26.16
N THR B 108 -15.38 37.00 -26.00
CA THR B 108 -16.19 35.87 -26.54
C THR B 108 -17.65 36.02 -26.07
N ALA B 109 -17.88 36.67 -24.92
CA ALA B 109 -19.21 37.02 -24.38
C ALA B 109 -20.01 37.87 -25.37
N LYS B 110 -19.33 38.58 -26.29
CA LYS B 110 -19.94 39.55 -27.24
C LYS B 110 -19.86 39.03 -28.69
N VAL B 111 -19.62 37.72 -28.87
CA VAL B 111 -19.73 37.04 -30.20
C VAL B 111 -20.80 35.96 -30.08
N ASP B 112 -21.21 35.39 -31.21
CA ASP B 112 -22.20 34.27 -31.26
C ASP B 112 -21.50 33.00 -30.77
N GLY B 113 -21.69 32.67 -29.49
CA GLY B 113 -21.08 31.50 -28.83
C GLY B 113 -21.45 30.20 -29.51
N GLU B 114 -22.73 30.04 -29.88
CA GLU B 114 -23.27 28.83 -30.58
C GLU B 114 -22.52 28.63 -31.90
N SER B 115 -22.35 29.70 -32.69
CA SER B 115 -21.66 29.69 -34.00
C SER B 115 -20.20 29.25 -33.81
N VAL B 116 -19.50 29.83 -32.83
CA VAL B 116 -18.05 29.58 -32.58
C VAL B 116 -17.88 28.09 -32.21
N ARG B 117 -18.81 27.54 -31.43
CA ARG B 117 -18.80 26.11 -31.01
C ARG B 117 -19.01 25.22 -32.24
N SER B 118 -20.04 25.53 -33.04
CA SER B 118 -20.40 24.78 -34.27
C SER B 118 -19.24 24.84 -35.28
N ALA B 119 -18.46 25.93 -35.27
CA ALA B 119 -17.26 26.14 -36.13
C ALA B 119 -16.14 25.15 -35.76
N CYS B 120 -16.16 24.59 -34.54
CA CYS B 120 -15.13 23.63 -34.05
C CYS B 120 -15.42 22.24 -34.59
N PRO B 121 -14.50 21.64 -35.39
CA PRO B 121 -14.63 20.26 -35.83
C PRO B 121 -14.62 19.23 -34.67
N TYR B 122 -14.16 19.62 -33.48
CA TYR B 122 -13.89 18.73 -32.32
C TYR B 122 -14.88 19.00 -31.19
N ASP B 123 -15.82 19.93 -31.40
CA ASP B 123 -16.92 20.29 -30.45
C ASP B 123 -16.35 20.65 -29.08
N ILE B 124 -15.33 21.52 -29.05
CA ILE B 124 -14.54 21.83 -27.82
C ILE B 124 -15.14 23.01 -27.05
N PRO B 125 -15.44 24.17 -27.68
CA PRO B 125 -15.94 25.34 -26.93
C PRO B 125 -17.16 25.04 -26.03
N ARG B 126 -17.17 25.62 -24.81
CA ARG B 126 -18.30 25.56 -23.86
C ARG B 126 -18.63 26.98 -23.37
N ILE B 127 -19.92 27.29 -23.26
CA ILE B 127 -20.44 28.66 -22.93
C ILE B 127 -20.83 28.73 -21.45
N ASP B 128 -20.41 29.80 -20.77
CA ASP B 128 -20.91 30.17 -19.41
C ASP B 128 -22.35 30.64 -19.55
N PRO B 129 -23.34 29.91 -19.00
CA PRO B 129 -24.75 30.25 -19.23
C PRO B 129 -25.13 31.66 -18.76
N VAL B 130 -24.41 32.21 -17.78
CA VAL B 130 -24.71 33.54 -17.16
C VAL B 130 -24.02 34.66 -17.96
N THR B 131 -22.70 34.58 -18.14
CA THR B 131 -21.87 35.67 -18.72
C THR B 131 -21.69 35.49 -20.24
N LYS B 132 -21.96 34.28 -20.76
CA LYS B 132 -21.90 33.93 -22.21
C LYS B 132 -20.44 33.91 -22.70
N ARG B 133 -19.47 33.91 -21.78
CA ARG B 133 -18.03 33.74 -22.10
C ARG B 133 -17.78 32.30 -22.57
N LEU B 134 -16.89 32.12 -23.56
CA LEU B 134 -16.41 30.80 -24.03
C LEU B 134 -15.16 30.43 -23.24
N SER B 135 -15.07 29.18 -22.78
CA SER B 135 -13.90 28.63 -22.04
C SER B 135 -13.51 27.27 -22.63
N LYS B 136 -12.20 27.01 -22.63
CA LYS B 136 -11.59 25.73 -23.05
C LYS B 136 -10.16 25.71 -22.51
N CYS B 137 -9.44 24.63 -22.80
CA CYS B 137 -7.97 24.48 -22.61
C CYS B 137 -7.25 25.67 -23.26
N ASP B 138 -6.40 26.37 -22.50
CA ASP B 138 -5.59 27.53 -22.98
C ASP B 138 -4.14 27.08 -23.18
N MET B 139 -3.88 25.77 -23.20
CA MET B 139 -2.55 25.16 -23.45
C MET B 139 -1.60 25.43 -22.28
N CYS B 140 -2.12 25.90 -21.14
CA CYS B 140 -1.30 26.49 -20.04
C CYS B 140 -0.27 27.45 -20.64
N ASN B 141 -0.73 28.37 -21.49
CA ASN B 141 0.15 29.22 -22.34
C ASN B 141 1.14 29.99 -21.47
N ASP B 142 0.72 30.42 -20.27
CA ASP B 142 1.54 31.21 -19.32
C ASP B 142 2.70 30.34 -18.82
N ARG B 143 2.43 29.10 -18.39
CA ARG B 143 3.47 28.11 -17.98
C ARG B 143 4.45 27.90 -19.14
N VAL B 144 3.96 27.71 -20.36
CA VAL B 144 4.78 27.39 -21.57
C VAL B 144 5.69 28.58 -21.86
N GLN B 145 5.17 29.80 -21.78
CA GLN B 145 5.95 31.06 -22.06
C GLN B 145 6.97 31.28 -20.95
N ASN B 146 6.76 30.69 -19.76
CA ASN B 146 7.69 30.73 -18.60
C ASN B 146 8.53 29.44 -18.56
N GLY B 147 8.63 28.72 -19.68
CA GLY B 147 9.50 27.54 -19.85
C GLY B 147 9.11 26.37 -18.96
N LEU B 148 7.84 26.24 -18.57
CA LEU B 148 7.30 25.07 -17.84
C LEU B 148 6.43 24.23 -18.78
N LEU B 149 6.29 22.93 -18.50
CA LEU B 149 5.32 22.04 -19.18
C LEU B 149 3.91 22.39 -18.72
N PRO B 150 2.89 22.24 -19.59
CA PRO B 150 1.49 22.34 -19.17
C PRO B 150 1.20 21.36 -18.01
N ALA B 151 0.29 21.74 -17.11
CA ALA B 151 0.03 21.03 -15.83
C ALA B 151 -0.34 19.57 -16.11
N CYS B 152 -1.15 19.30 -17.13
CA CYS B 152 -1.63 17.94 -17.48
C CYS B 152 -0.49 17.09 -18.06
N VAL B 153 0.51 17.72 -18.69
CA VAL B 153 1.67 17.01 -19.30
C VAL B 153 2.65 16.58 -18.20
N LYS B 154 2.97 17.50 -17.28
CA LYS B 154 3.94 17.24 -16.18
C LYS B 154 3.38 16.14 -15.27
N THR B 155 2.08 16.17 -14.96
CA THR B 155 1.44 15.26 -13.97
C THR B 155 1.37 13.81 -14.49
N CYS B 156 1.33 13.60 -15.81
CA CYS B 156 1.03 12.28 -16.44
C CYS B 156 2.16 11.28 -16.17
N PRO B 157 1.89 10.21 -15.37
CA PRO B 157 2.93 9.25 -15.01
C PRO B 157 3.34 8.20 -16.06
N THR B 158 2.54 8.00 -17.11
CA THR B 158 2.63 6.82 -18.02
C THR B 158 3.46 7.13 -19.27
N GLY B 159 3.69 8.40 -19.58
CA GLY B 159 4.34 8.84 -20.85
C GLY B 159 3.32 9.04 -21.96
N THR B 160 2.03 8.98 -21.65
CA THR B 160 0.91 9.31 -22.58
C THR B 160 1.12 10.75 -23.07
N MET B 161 1.28 11.69 -22.13
CA MET B 161 1.39 13.15 -22.41
C MET B 161 2.84 13.49 -22.71
N ASN B 162 3.08 14.10 -23.88
CA ASN B 162 4.40 14.63 -24.32
C ASN B 162 4.16 16.03 -24.91
N PHE B 163 5.12 16.94 -24.71
CA PHE B 163 5.05 18.36 -25.11
C PHE B 163 6.45 18.86 -25.52
N GLY B 164 6.49 19.80 -26.46
CA GLY B 164 7.72 20.41 -27.01
C GLY B 164 7.45 21.08 -28.35
N ASP B 165 8.50 21.31 -29.14
CA ASP B 165 8.45 22.00 -30.46
C ASP B 165 7.82 21.06 -31.50
N GLU B 166 7.18 21.64 -32.52
CA GLU B 166 6.44 20.91 -33.61
C GLU B 166 7.31 19.78 -34.17
N GLN B 167 8.51 20.11 -34.65
CA GLN B 167 9.42 19.18 -35.37
C GLN B 167 9.75 17.99 -34.46
N GLU B 168 10.06 18.28 -33.19
CA GLU B 168 10.45 17.28 -32.15
C GLU B 168 9.30 16.29 -31.92
N MET B 169 8.06 16.80 -31.83
CA MET B 169 6.86 16.01 -31.41
C MET B 169 6.33 15.19 -32.60
N LEU B 170 6.28 15.78 -33.79
CA LEU B 170 5.89 15.08 -35.05
C LEU B 170 6.83 13.90 -35.29
N ALA B 171 8.13 14.08 -35.05
CA ALA B 171 9.17 13.03 -35.16
C ALA B 171 8.90 11.93 -34.12
N LEU B 172 8.71 12.32 -32.86
CA LEU B 172 8.34 11.42 -31.73
C LEU B 172 7.06 10.66 -32.07
N ALA B 173 6.05 11.38 -32.59
CA ALA B 173 4.73 10.82 -32.97
C ALA B 173 4.93 9.71 -34.03
N GLU B 174 5.75 9.97 -35.04
CA GLU B 174 6.01 9.01 -36.16
C GLU B 174 6.76 7.78 -35.63
N LYS B 175 7.79 8.00 -34.80
CA LYS B 175 8.64 6.93 -34.22
C LYS B 175 7.79 6.05 -33.29
N ARG B 176 7.00 6.66 -32.40
CA ARG B 176 6.17 5.95 -31.39
C ARG B 176 5.09 5.12 -32.11
N LEU B 177 4.45 5.69 -33.15
CA LEU B 177 3.39 5.00 -33.94
C LEU B 177 3.91 3.65 -34.45
N ALA B 178 5.16 3.61 -34.94
CA ALA B 178 5.81 2.42 -35.52
C ALA B 178 5.99 1.35 -34.44
N GLU B 179 6.37 1.75 -33.22
CA GLU B 179 6.59 0.83 -32.07
C GLU B 179 5.23 0.32 -31.55
N VAL B 180 4.25 1.20 -31.43
CA VAL B 180 2.90 0.90 -30.85
C VAL B 180 2.18 -0.10 -31.75
N LYS B 181 2.37 -0.01 -33.08
CA LYS B 181 1.71 -0.89 -34.08
C LYS B 181 2.06 -2.36 -33.81
N LYS B 182 3.24 -2.63 -33.23
CA LYS B 182 3.69 -4.01 -32.88
C LYS B 182 2.76 -4.63 -31.83
N THR B 183 2.09 -3.82 -31.01
CA THR B 183 1.09 -4.28 -29.99
C THR B 183 -0.33 -3.94 -30.46
N TYR B 184 -0.54 -2.75 -31.00
CA TYR B 184 -1.84 -2.23 -31.50
C TYR B 184 -1.74 -1.98 -33.00
N PRO B 185 -1.99 -3.01 -33.86
CA PRO B 185 -1.78 -2.88 -35.30
C PRO B 185 -2.67 -1.83 -35.99
N GLY B 186 -3.83 -1.52 -35.40
CA GLY B 186 -4.80 -0.55 -35.94
C GLY B 186 -4.61 0.85 -35.37
N ALA B 187 -3.39 1.17 -34.90
CA ALA B 187 -3.04 2.47 -34.30
C ALA B 187 -2.91 3.54 -35.39
N VAL B 188 -3.39 4.76 -35.13
CA VAL B 188 -3.36 5.91 -36.08
C VAL B 188 -3.16 7.20 -35.30
N LEU B 189 -2.58 8.22 -35.94
CA LEU B 189 -2.46 9.60 -35.40
C LEU B 189 -3.71 10.38 -35.80
N GLY B 190 -4.19 11.26 -34.89
CA GLY B 190 -5.36 12.13 -35.12
C GLY B 190 -4.97 13.41 -35.84
N ASP B 191 -5.43 13.58 -37.09
CA ASP B 191 -5.30 14.82 -37.90
C ASP B 191 -3.93 15.46 -37.69
N PRO B 192 -2.81 14.71 -37.87
CA PRO B 192 -1.48 15.18 -37.47
C PRO B 192 -0.96 16.46 -38.16
N ASN B 193 -1.52 16.83 -39.32
CA ASN B 193 -1.04 17.98 -40.14
C ASN B 193 -1.88 19.24 -39.86
N ASP B 194 -2.93 19.15 -39.03
CA ASP B 194 -3.94 20.23 -38.84
C ASP B 194 -3.92 20.78 -37.40
N VAL B 195 -3.42 20.02 -36.41
CA VAL B 195 -3.62 20.33 -34.96
C VAL B 195 -2.29 20.28 -34.23
N ARG B 196 -2.26 20.85 -33.02
CA ARG B 196 -1.06 20.88 -32.13
C ARG B 196 -1.23 19.90 -30.95
N VAL B 197 -2.42 19.32 -30.78
CA VAL B 197 -2.66 18.16 -29.87
C VAL B 197 -2.85 16.91 -30.74
N VAL B 198 -1.75 16.18 -30.96
CA VAL B 198 -1.71 14.96 -31.83
C VAL B 198 -1.91 13.73 -30.93
N TYR B 199 -3.12 13.19 -30.93
CA TYR B 199 -3.48 11.91 -30.27
C TYR B 199 -3.02 10.73 -31.14
N LEU B 200 -2.37 9.74 -30.53
CA LEU B 200 -2.21 8.37 -31.07
C LEU B 200 -3.32 7.50 -30.49
N PHE B 201 -4.24 7.02 -31.34
CA PHE B 201 -5.35 6.10 -30.98
C PHE B 201 -4.88 4.65 -31.24
N THR B 202 -5.27 3.71 -30.38
CA THR B 202 -4.93 2.28 -30.50
C THR B 202 -5.81 1.60 -31.55
N ARG B 203 -6.91 2.27 -31.97
CA ARG B 203 -7.86 1.75 -32.98
C ARG B 203 -8.68 2.91 -33.54
N ASP B 204 -9.81 2.62 -34.19
CA ASP B 204 -10.78 3.64 -34.70
C ASP B 204 -10.86 4.80 -33.71
N PRO B 205 -10.34 6.00 -34.04
CA PRO B 205 -10.46 7.16 -33.16
C PRO B 205 -11.89 7.41 -32.67
N LYS B 206 -12.89 7.16 -33.54
CA LYS B 206 -14.34 7.38 -33.26
C LYS B 206 -14.81 6.50 -32.09
N ASP B 207 -14.16 5.36 -31.84
CA ASP B 207 -14.50 4.48 -30.69
C ASP B 207 -14.11 5.18 -29.37
N PHE B 208 -13.10 6.05 -29.40
CA PHE B 208 -12.65 6.85 -28.23
C PHE B 208 -13.69 7.94 -27.94
N TYR B 209 -14.14 8.63 -28.99
CA TYR B 209 -15.13 9.73 -28.92
C TYR B 209 -15.56 10.11 -30.33
N GLU B 210 -16.83 10.49 -30.51
CA GLU B 210 -17.43 10.77 -31.83
C GLU B 210 -16.74 11.97 -32.49
N HIS B 211 -16.17 12.89 -31.71
CA HIS B 211 -15.44 14.09 -32.22
C HIS B 211 -13.93 13.98 -31.98
N ALA B 212 -13.39 12.77 -31.86
CA ALA B 212 -11.95 12.50 -31.59
C ALA B 212 -11.11 13.07 -32.74
N VAL B 213 -11.59 12.91 -33.97
CA VAL B 213 -10.97 13.44 -35.22
C VAL B 213 -12.06 14.15 -36.04
N ALA B 214 -11.66 14.98 -36.99
CA ALA B 214 -12.54 15.88 -37.79
C ALA B 214 -13.39 15.06 -38.77
#